data_6A0S
#
_entry.id   6A0S
#
_cell.length_a   119.619
_cell.length_b   119.619
_cell.length_c   144.338
_cell.angle_alpha   90.00
_cell.angle_beta   90.00
_cell.angle_gamma   120.00
#
_symmetry.space_group_name_H-M   'P 32 2 1'
#
loop_
_entity.id
_entity.type
_entity.pdbx_description
1 polymer 'Homoserine dehydrogenase'
2 non-polymer 'SODIUM ION'
3 non-polymer L-HOMOSERINE
4 non-polymer 'NADPH DIHYDRO-NICOTINAMIDE-ADENINE-DINUCLEOTIDE PHOSPHATE'
5 non-polymer '3-CYCLOHEXYL-1-PROPYLSULFONIC ACID'
6 non-polymer 'FORMIC ACID'
7 non-polymer GLYCEROL
8 water water
#
_entity_poly.entity_id   1
_entity_poly.type   'polypeptide(L)'
_entity_poly.pdbx_seq_one_letter_code
;MEALKIALLGGGTVGSAFYNLVLERAEELSAFGVVPRFLGVLVRDPRKPRAIPQELLRAEPFDLLEADLVVEAMGGVEAP
LRLVLPALEAGIPLITANKALLAEAWESLRPFAEEGLIYHEASVMAGTPALSFLETLRGSELLELHGILNGTTLYILQEM
EKGRTYAEALLEAQRLGYAEADPTLDVEGIDAAHKLTLLARLLVDPGFPFAEVEAQGIARLTPEVLQKAEARGERVRLVA
SLFGEGGRWRAAVAPRRLPQDHPLARARGNALWVRARPLGEAFVTGPGAGGGATASGLFADLLRFLSGAPGHLPAPRARP
PLEEGSPWPGVE
;
_entity_poly.pdbx_strand_id   B,A
#
# COMPACT_ATOMS: atom_id res chain seq x y z
N MET A 1 -8.73 -21.97 19.40
CA MET A 1 -7.85 -20.92 20.02
C MET A 1 -6.48 -21.55 20.27
N GLU A 2 -5.38 -20.90 19.91
CA GLU A 2 -4.09 -21.48 20.25
C GLU A 2 -3.11 -20.41 20.70
N ALA A 3 -2.04 -20.90 21.30
CA ALA A 3 -1.01 -19.98 21.82
C ALA A 3 -0.13 -19.59 20.60
N LEU A 4 0.27 -18.35 20.59
CA LEU A 4 1.25 -17.87 19.54
C LEU A 4 2.52 -17.54 20.37
N LYS A 5 3.45 -18.42 20.36
CA LYS A 5 4.68 -18.24 21.14
C LYS A 5 5.72 -17.35 20.34
N ILE A 6 6.01 -16.18 20.89
CA ILE A 6 6.78 -15.16 20.21
C ILE A 6 8.17 -15.02 20.94
N ALA A 7 9.24 -15.18 20.21
CA ALA A 7 10.60 -14.77 20.69
C ALA A 7 10.89 -13.38 20.15
N LEU A 8 11.09 -12.37 21.02
CA LEU A 8 11.40 -11.01 20.58
C LEU A 8 12.91 -10.73 20.79
N LEU A 9 13.60 -10.42 19.70
CA LEU A 9 15.03 -9.96 19.70
C LEU A 9 15.20 -8.47 19.64
N GLY A 10 15.52 -7.88 20.79
CA GLY A 10 15.61 -6.42 20.95
C GLY A 10 14.46 -5.86 21.72
N GLY A 11 14.82 -5.05 22.71
CA GLY A 11 13.86 -4.46 23.65
C GLY A 11 14.02 -2.97 23.81
N GLY A 12 14.54 -2.33 22.76
CA GLY A 12 14.68 -0.93 22.70
C GLY A 12 13.43 -0.19 22.28
N THR A 13 13.62 0.93 21.63
CA THR A 13 12.52 1.77 21.26
C THR A 13 11.41 0.94 20.41
N VAL A 14 11.87 0.19 19.45
CA VAL A 14 10.96 -0.60 18.59
C VAL A 14 10.44 -1.82 19.38
N GLY A 15 11.36 -2.61 19.89
CA GLY A 15 11.03 -3.83 20.65
C GLY A 15 10.05 -3.63 21.75
N SER A 16 10.24 -2.59 22.54
CA SER A 16 9.33 -2.24 23.60
C SER A 16 7.99 -1.82 23.05
N ALA A 17 8.01 -0.98 22.05
CA ALA A 17 6.72 -0.50 21.52
C ALA A 17 5.89 -1.74 21.00
N PHE A 18 6.55 -2.67 20.38
CA PHE A 18 5.93 -3.86 19.82
C PHE A 18 5.40 -4.77 20.94
N TYR A 19 6.23 -5.06 21.95
CA TYR A 19 5.76 -5.75 23.14
C TYR A 19 4.48 -5.18 23.64
N ASN A 20 4.43 -3.90 23.92
CA ASN A 20 3.28 -3.36 24.52
C ASN A 20 2.06 -3.34 23.53
N LEU A 21 2.36 -3.14 22.23
CA LEU A 21 1.29 -3.11 21.23
C LEU A 21 0.60 -4.51 21.14
N VAL A 22 1.36 -5.56 21.11
CA VAL A 22 0.90 -6.93 21.04
C VAL A 22 -0.08 -7.23 22.23
N LEU A 23 0.33 -6.84 23.42
CA LEU A 23 -0.54 -7.10 24.64
C LEU A 23 -1.70 -6.20 24.65
N GLU A 24 -1.52 -4.89 24.33
CA GLU A 24 -2.66 -4.00 24.25
C GLU A 24 -3.75 -4.44 23.24
N ARG A 25 -3.36 -5.16 22.21
CA ARG A 25 -4.29 -5.55 21.06
C ARG A 25 -4.50 -7.03 21.15
N ALA A 26 -4.34 -7.66 22.36
CA ALA A 26 -4.50 -9.16 22.39
C ALA A 26 -5.95 -9.58 22.02
N GLU A 27 -6.91 -8.68 22.20
CA GLU A 27 -8.31 -8.94 21.82
C GLU A 27 -8.48 -9.07 20.32
N GLU A 28 -7.79 -8.22 19.57
CA GLU A 28 -7.71 -8.41 18.15
C GLU A 28 -7.12 -9.76 17.83
N LEU A 29 -6.05 -10.19 18.50
CA LEU A 29 -5.47 -11.40 18.16
C LEU A 29 -6.41 -12.59 18.39
N SER A 30 -7.17 -12.54 19.50
CA SER A 30 -8.11 -13.60 19.75
C SER A 30 -9.13 -13.78 18.56
N ALA A 31 -9.51 -12.70 17.89
CA ALA A 31 -10.39 -12.84 16.68
C ALA A 31 -9.67 -13.58 15.55
N PHE A 32 -8.32 -13.61 15.56
CA PHE A 32 -7.56 -14.47 14.67
C PHE A 32 -7.33 -15.86 15.20
N GLY A 33 -7.89 -16.22 16.36
CA GLY A 33 -7.72 -17.52 16.95
C GLY A 33 -6.45 -17.72 17.83
N VAL A 34 -5.79 -16.65 18.26
CA VAL A 34 -4.55 -16.87 19.02
C VAL A 34 -4.52 -16.04 20.29
N VAL A 35 -3.64 -16.50 21.21
CA VAL A 35 -3.30 -15.70 22.40
C VAL A 35 -1.74 -15.53 22.37
N PRO A 36 -1.26 -14.30 22.55
CA PRO A 36 0.18 -14.05 22.39
C PRO A 36 0.90 -14.40 23.68
N ARG A 37 1.97 -15.13 23.56
CA ARG A 37 2.78 -15.52 24.69
C ARG A 37 4.24 -15.29 24.36
N PHE A 38 4.80 -14.22 24.93
CA PHE A 38 6.25 -13.97 24.73
C PHE A 38 7.07 -15.00 25.49
N LEU A 39 7.96 -15.71 24.82
CA LEU A 39 8.93 -16.58 25.44
C LEU A 39 10.03 -15.86 26.17
N GLY A 40 10.44 -14.69 25.67
CA GLY A 40 11.52 -13.89 26.20
C GLY A 40 11.90 -12.75 25.27
N VAL A 41 12.59 -11.76 25.81
CA VAL A 41 13.01 -10.59 25.03
C VAL A 41 14.53 -10.44 25.23
N LEU A 42 15.31 -10.64 24.18
CA LEU A 42 16.77 -10.43 24.17
C LEU A 42 17.12 -8.97 24.19
N VAL A 43 17.90 -8.60 25.22
CA VAL A 43 18.35 -7.25 25.43
C VAL A 43 19.85 -7.33 25.92
N ARG A 44 20.45 -6.19 26.17
CA ARG A 44 21.79 -6.08 26.89
C ARG A 44 21.76 -5.90 28.45
N ASP A 45 20.99 -4.91 28.93
N ASP A 45 21.01 -4.90 28.95
CA ASP A 45 20.81 -4.67 30.33
CA ASP A 45 20.90 -4.69 30.37
C ASP A 45 19.46 -5.20 30.77
C ASP A 45 19.52 -5.17 30.83
N PRO A 46 19.42 -6.42 31.35
CA PRO A 46 18.12 -6.93 31.84
C PRO A 46 17.57 -6.23 33.13
N ARG A 47 18.35 -5.37 33.80
CA ARG A 47 17.92 -4.86 35.14
C ARG A 47 17.51 -3.35 35.12
N LYS A 48 17.90 -2.62 34.06
CA LYS A 48 17.71 -1.13 33.95
C LYS A 48 16.27 -0.63 33.75
N PRO A 49 16.07 0.68 33.40
CA PRO A 49 14.68 1.06 33.23
C PRO A 49 14.21 0.63 31.80
N ARG A 50 13.00 0.08 31.70
CA ARG A 50 12.48 -0.40 30.39
C ARG A 50 10.98 -0.69 30.45
N ALA A 51 10.32 -0.49 29.31
CA ALA A 51 8.88 -0.65 29.19
C ALA A 51 8.45 -2.07 28.82
N ILE A 52 9.11 -3.04 29.39
CA ILE A 52 8.81 -4.50 29.30
C ILE A 52 9.06 -5.10 30.72
N PRO A 53 8.17 -5.98 31.23
CA PRO A 53 8.48 -6.55 32.59
C PRO A 53 9.83 -7.20 32.67
N GLN A 54 10.54 -6.89 33.77
CA GLN A 54 11.91 -7.35 33.94
C GLN A 54 12.13 -8.82 33.79
N GLU A 55 11.21 -9.63 34.29
CA GLU A 55 11.36 -11.08 34.23
C GLU A 55 11.32 -11.71 32.92
N LEU A 56 10.78 -11.01 31.94
CA LEU A 56 10.79 -11.50 30.56
C LEU A 56 12.11 -11.23 29.81
N LEU A 57 12.89 -10.29 30.33
CA LEU A 57 14.20 -9.92 29.77
C LEU A 57 15.22 -11.03 29.83
N ARG A 58 15.99 -11.18 28.76
CA ARG A 58 17.01 -12.17 28.68
C ARG A 58 18.28 -11.44 28.21
N ALA A 59 19.33 -11.50 29.02
CA ALA A 59 20.56 -10.83 28.69
C ALA A 59 21.38 -11.77 27.91
N GLU A 60 21.02 -13.02 27.83
CA GLU A 60 21.75 -13.91 26.93
C GLU A 60 20.87 -14.69 25.89
N PRO A 61 21.45 -15.12 24.74
CA PRO A 61 20.61 -15.73 23.69
C PRO A 61 19.90 -16.91 24.19
N PHE A 62 18.70 -17.17 23.71
CA PHE A 62 17.89 -18.29 24.20
C PHE A 62 17.39 -19.11 23.06
N ASP A 63 16.96 -20.34 23.33
CA ASP A 63 16.67 -21.27 22.26
C ASP A 63 15.36 -20.73 21.57
N LEU A 64 15.35 -20.64 20.26
CA LEU A 64 14.19 -20.04 19.54
C LEU A 64 13.36 -21.14 18.89
N LEU A 65 13.84 -22.36 18.93
CA LEU A 65 13.27 -23.38 18.14
C LEU A 65 11.88 -23.89 18.57
N GLU A 66 11.40 -23.51 19.73
CA GLU A 66 9.99 -23.79 20.10
C GLU A 66 9.11 -22.59 19.88
N ALA A 67 9.62 -21.48 19.33
CA ALA A 67 8.76 -20.34 19.03
C ALA A 67 7.94 -20.64 17.81
N ASP A 68 6.77 -20.00 17.73
CA ASP A 68 5.97 -19.96 16.50
C ASP A 68 6.39 -18.84 15.58
N LEU A 69 7.00 -17.79 16.14
CA LEU A 69 7.42 -16.64 15.40
C LEU A 69 8.65 -16.02 16.07
N VAL A 70 9.63 -15.56 15.28
CA VAL A 70 10.68 -14.68 15.82
C VAL A 70 10.42 -13.26 15.30
N VAL A 71 10.37 -12.29 16.19
CA VAL A 71 10.31 -10.89 15.86
C VAL A 71 11.72 -10.28 16.21
N GLU A 72 12.36 -9.56 15.25
CA GLU A 72 13.71 -8.96 15.45
C GLU A 72 13.76 -7.50 15.20
N ALA A 73 14.28 -6.78 16.16
CA ALA A 73 14.50 -5.36 16.02
C ALA A 73 15.71 -5.01 16.94
N MET A 74 16.77 -5.76 16.71
CA MET A 74 18.06 -5.67 17.43
C MET A 74 19.03 -4.62 16.81
N GLY A 75 18.96 -4.45 15.50
CA GLY A 75 19.91 -3.58 14.76
C GLY A 75 21.19 -4.40 14.49
N GLY A 76 22.00 -3.91 13.57
CA GLY A 76 23.13 -4.68 13.09
C GLY A 76 22.80 -5.76 12.19
N VAL A 77 23.82 -6.55 11.87
CA VAL A 77 23.74 -7.57 10.91
C VAL A 77 24.13 -8.90 11.36
N GLU A 78 25.43 -9.09 11.70
CA GLU A 78 25.87 -10.45 11.82
C GLU A 78 25.24 -11.12 13.11
N ALA A 79 25.07 -10.36 14.17
CA ALA A 79 24.56 -10.94 15.43
C ALA A 79 23.08 -11.42 15.20
N PRO A 80 22.20 -10.53 14.70
CA PRO A 80 20.82 -11.05 14.46
C PRO A 80 20.79 -12.09 13.47
N LEU A 81 21.68 -12.03 12.47
CA LEU A 81 21.68 -13.07 11.52
C LEU A 81 21.94 -14.43 12.14
N ARG A 82 22.97 -14.51 12.96
CA ARG A 82 23.29 -15.80 13.49
C ARG A 82 22.18 -16.32 14.48
N LEU A 83 21.49 -15.40 15.16
CA LEU A 83 20.37 -15.73 16.03
C LEU A 83 19.14 -16.22 15.23
N VAL A 84 18.82 -15.57 14.08
CA VAL A 84 17.62 -16.00 13.31
C VAL A 84 17.79 -17.18 12.38
N LEU A 85 18.99 -17.44 11.83
CA LEU A 85 19.13 -18.50 10.91
C LEU A 85 18.66 -19.91 11.37
N PRO A 86 18.99 -20.31 12.60
CA PRO A 86 18.47 -21.65 13.05
C PRO A 86 16.93 -21.68 13.06
N ALA A 87 16.30 -20.60 13.48
CA ALA A 87 14.81 -20.52 13.46
C ALA A 87 14.27 -20.62 12.03
N LEU A 88 14.82 -19.83 11.11
CA LEU A 88 14.48 -19.96 9.66
C LEU A 88 14.68 -21.33 9.10
N GLU A 89 15.82 -21.96 9.43
CA GLU A 89 16.09 -23.32 8.98
CA GLU A 89 16.12 -23.32 9.03
C GLU A 89 15.08 -24.34 9.49
N ALA A 90 14.58 -24.12 10.69
CA ALA A 90 13.53 -24.94 11.25
C ALA A 90 12.13 -24.54 10.70
N GLY A 91 12.03 -23.67 9.70
CA GLY A 91 10.72 -23.21 9.20
C GLY A 91 9.93 -22.29 10.11
N ILE A 92 10.58 -21.58 11.03
CA ILE A 92 9.93 -20.61 11.85
C ILE A 92 10.08 -19.23 11.17
N PRO A 93 8.97 -18.50 10.98
CA PRO A 93 9.05 -17.21 10.29
C PRO A 93 9.70 -16.14 11.14
N LEU A 94 10.22 -15.13 10.43
CA LEU A 94 10.84 -13.93 10.98
C LEU A 94 10.09 -12.72 10.59
N ILE A 95 9.74 -11.88 11.56
CA ILE A 95 9.23 -10.59 11.29
C ILE A 95 10.31 -9.64 11.76
N THR A 96 10.79 -8.75 10.87
CA THR A 96 11.87 -7.85 11.19
C THR A 96 11.63 -6.49 10.70
N ALA A 97 12.21 -5.55 11.39
CA ALA A 97 12.31 -4.18 10.94
C ALA A 97 13.76 -3.82 10.53
N ASN A 98 14.60 -4.85 10.42
CA ASN A 98 16.04 -4.63 10.37
C ASN A 98 16.51 -4.54 8.88
N LYS A 99 16.45 -3.36 8.34
CA LYS A 99 16.83 -3.17 6.91
C LYS A 99 18.30 -3.44 6.57
N ALA A 100 19.17 -3.16 7.53
CA ALA A 100 20.62 -3.49 7.33
C ALA A 100 20.84 -4.93 7.19
N LEU A 101 20.23 -5.70 8.09
CA LEU A 101 20.35 -7.19 7.96
C LEU A 101 19.93 -7.71 6.67
N LEU A 102 18.72 -7.28 6.22
CA LEU A 102 18.24 -7.82 4.99
C LEU A 102 19.12 -7.33 3.80
N ALA A 103 19.54 -6.09 3.88
CA ALA A 103 20.31 -5.57 2.69
C ALA A 103 21.67 -6.25 2.59
N GLU A 104 22.31 -6.42 3.77
CA GLU A 104 23.74 -6.85 3.81
C GLU A 104 23.92 -8.33 4.07
N ALA A 105 22.89 -9.12 4.41
CA ALA A 105 23.03 -10.59 4.54
C ALA A 105 22.10 -11.39 3.63
N TRP A 106 21.90 -10.89 2.42
CA TRP A 106 20.89 -11.48 1.50
C TRP A 106 21.29 -12.76 0.90
N GLU A 107 22.58 -12.98 0.79
CA GLU A 107 23.01 -14.30 0.43
C GLU A 107 22.52 -15.37 1.37
N SER A 108 22.64 -15.15 2.66
CA SER A 108 22.05 -16.13 3.60
C SER A 108 20.49 -16.09 3.68
N LEU A 109 19.86 -14.90 3.57
CA LEU A 109 18.42 -14.73 3.85
C LEU A 109 17.49 -14.90 2.65
N ARG A 110 17.99 -14.66 1.44
CA ARG A 110 17.15 -14.81 0.26
C ARG A 110 16.42 -16.13 0.13
N PRO A 111 17.08 -17.30 0.39
CA PRO A 111 16.32 -18.52 0.19
C PRO A 111 15.10 -18.61 1.12
N PHE A 112 15.18 -18.05 2.30
CA PHE A 112 14.06 -18.11 3.27
C PHE A 112 12.98 -17.07 2.85
N ALA A 113 13.46 -15.90 2.39
CA ALA A 113 12.50 -14.92 1.78
C ALA A 113 11.70 -15.52 0.64
N GLU A 114 12.35 -16.27 -0.20
CA GLU A 114 11.68 -16.97 -1.29
C GLU A 114 10.67 -18.02 -0.87
N GLU A 115 10.79 -18.56 0.33
CA GLU A 115 9.85 -19.54 0.81
C GLU A 115 8.73 -18.85 1.59
N GLY A 116 8.71 -17.52 1.65
CA GLY A 116 7.69 -16.76 2.36
C GLY A 116 7.82 -16.70 3.87
N LEU A 117 9.03 -16.91 4.42
CA LEU A 117 9.25 -16.92 5.87
C LEU A 117 9.67 -15.61 6.43
N ILE A 118 9.96 -14.60 5.60
CA ILE A 118 10.40 -13.28 6.12
C ILE A 118 9.40 -12.16 5.82
N TYR A 119 8.92 -11.51 6.88
CA TYR A 119 7.94 -10.42 6.85
C TYR A 119 8.78 -9.23 7.25
N HIS A 120 8.84 -8.21 6.40
CA HIS A 120 9.63 -7.02 6.71
C HIS A 120 9.03 -5.69 6.29
N GLU A 121 7.70 -5.57 6.43
CA GLU A 121 7.09 -4.31 6.11
C GLU A 121 7.72 -3.19 6.88
N ALA A 122 7.99 -3.44 8.20
CA ALA A 122 8.52 -2.39 9.00
C ALA A 122 9.94 -1.89 8.66
N SER A 123 10.64 -2.61 7.82
CA SER A 123 12.03 -2.29 7.46
C SER A 123 12.15 -1.17 6.45
N VAL A 124 11.00 -0.79 5.84
CA VAL A 124 10.99 0.40 4.98
C VAL A 124 9.81 1.28 5.26
N MET A 125 10.06 2.53 5.67
CA MET A 125 9.01 3.49 6.05
C MET A 125 8.17 2.99 7.19
N ALA A 126 8.79 2.19 8.07
CA ALA A 126 8.11 1.77 9.30
C ALA A 126 6.74 1.11 8.98
N GLY A 127 5.71 1.44 9.70
CA GLY A 127 4.41 0.87 9.38
C GLY A 127 3.59 1.60 8.32
N THR A 128 4.22 2.55 7.68
CA THR A 128 3.67 3.15 6.43
C THR A 128 3.79 2.06 5.34
N PRO A 129 2.70 1.83 4.55
CA PRO A 129 2.76 0.82 3.52
C PRO A 129 3.83 1.12 2.45
N ALA A 130 4.74 0.19 2.24
CA ALA A 130 5.82 0.40 1.31
C ALA A 130 6.04 -0.86 0.56
N LEU A 131 6.32 -1.93 1.27
CA LEU A 131 6.43 -3.19 0.64
C LEU A 131 5.05 -3.63 0.05
N SER A 132 3.99 -3.47 0.82
CA SER A 132 2.62 -3.81 0.32
C SER A 132 2.27 -2.96 -0.89
N PHE A 133 2.70 -1.70 -0.86
CA PHE A 133 2.47 -0.77 -1.90
C PHE A 133 3.16 -1.30 -3.19
N LEU A 134 4.42 -1.71 -3.13
CA LEU A 134 5.06 -2.28 -4.27
C LEU A 134 4.52 -3.63 -4.66
N GLU A 135 3.99 -4.40 -3.72
CA GLU A 135 3.35 -5.71 -4.05
C GLU A 135 2.13 -5.44 -5.03
N THR A 136 1.36 -4.41 -4.75
CA THR A 136 0.22 -4.08 -5.58
C THR A 136 0.74 -3.46 -6.92
N LEU A 137 1.82 -2.69 -6.84
CA LEU A 137 2.46 -2.08 -8.03
C LEU A 137 2.97 -3.10 -9.00
N ARG A 138 3.20 -4.32 -8.55
CA ARG A 138 3.69 -5.33 -9.42
C ARG A 138 2.66 -5.63 -10.57
N GLY A 139 1.44 -5.17 -10.44
CA GLY A 139 0.46 -5.25 -11.54
C GLY A 139 0.98 -4.55 -12.79
N SER A 140 1.80 -3.53 -12.58
CA SER A 140 2.41 -2.73 -13.59
C SER A 140 3.93 -2.96 -13.59
N GLU A 141 4.61 -2.34 -14.55
CA GLU A 141 6.08 -2.43 -14.67
C GLU A 141 6.61 -1.08 -14.38
N LEU A 142 7.64 -1.07 -13.54
CA LEU A 142 8.17 0.20 -13.10
C LEU A 142 8.84 0.98 -14.19
N LEU A 143 8.59 2.26 -14.20
CA LEU A 143 9.34 3.21 -15.05
C LEU A 143 10.34 4.00 -14.25
N GLU A 144 9.94 4.51 -13.09
CA GLU A 144 10.87 5.16 -12.18
C GLU A 144 10.24 5.18 -10.81
N LEU A 145 11.10 5.05 -9.81
CA LEU A 145 10.79 5.09 -8.40
C LEU A 145 11.73 6.11 -7.78
N HIS A 146 11.18 7.00 -7.00
CA HIS A 146 11.85 7.92 -6.17
C HIS A 146 11.17 7.96 -4.79
N GLY A 147 12.00 7.80 -3.75
CA GLY A 147 11.57 7.86 -2.37
C GLY A 147 12.37 8.74 -1.45
N ILE A 148 11.70 9.18 -0.42
CA ILE A 148 12.30 9.84 0.71
C ILE A 148 12.11 8.82 1.84
N LEU A 149 13.17 8.03 2.05
CA LEU A 149 13.19 6.82 2.84
C LEU A 149 13.88 6.91 4.21
N ASN A 150 14.42 8.05 4.55
CA ASN A 150 15.10 8.23 5.85
C ASN A 150 14.51 9.34 6.59
N GLY A 151 13.90 9.03 7.73
CA GLY A 151 13.27 10.11 8.51
C GLY A 151 14.18 11.06 9.17
N THR A 152 15.36 10.59 9.60
CA THR A 152 16.28 11.52 10.26
C THR A 152 16.72 12.62 9.38
N THR A 153 17.18 12.29 8.17
CA THR A 153 17.65 13.37 7.27
C THR A 153 16.49 14.26 6.74
N LEU A 154 15.29 13.66 6.57
CA LEU A 154 14.12 14.51 6.25
C LEU A 154 13.93 15.56 7.32
N TYR A 155 13.90 15.06 8.57
CA TYR A 155 13.72 15.98 9.71
C TYR A 155 14.80 17.03 9.72
N ILE A 156 16.07 16.62 9.54
CA ILE A 156 17.13 17.60 9.50
C ILE A 156 16.99 18.62 8.38
N LEU A 157 16.68 18.14 7.19
CA LEU A 157 16.53 19.11 6.10
C LEU A 157 15.31 20.02 6.37
N GLN A 158 14.20 19.47 6.85
CA GLN A 158 13.04 20.38 7.19
C GLN A 158 13.44 21.39 8.21
N GLU A 159 14.25 20.99 9.21
CA GLU A 159 14.67 21.97 10.25
C GLU A 159 15.66 22.95 9.72
N MET A 160 16.56 22.54 8.83
CA MET A 160 17.50 23.46 8.28
C MET A 160 16.86 24.50 7.37
N GLU A 161 15.80 24.10 6.65
CA GLU A 161 15.03 25.08 5.79
C GLU A 161 14.50 26.22 6.64
N LYS A 162 13.99 25.86 7.82
CA LYS A 162 13.57 26.82 8.85
C LYS A 162 14.77 27.57 9.52
N GLY A 163 15.99 27.51 8.93
CA GLY A 163 17.22 28.08 9.50
C GLY A 163 17.95 27.39 10.67
N ARG A 164 17.41 26.32 11.27
CA ARG A 164 18.14 25.62 12.30
C ARG A 164 19.40 24.90 11.71
N THR A 165 20.40 24.63 12.57
CA THR A 165 21.70 24.14 11.99
C THR A 165 21.57 22.66 11.93
N TYR A 166 22.46 22.07 11.08
CA TYR A 166 22.63 20.63 11.04
C TYR A 166 22.71 20.07 12.42
N ALA A 167 23.62 20.64 13.24
CA ALA A 167 23.91 19.93 14.50
C ALA A 167 22.73 20.02 15.50
N GLU A 168 22.12 21.20 15.59
CA GLU A 168 20.84 21.32 16.35
C GLU A 168 19.83 20.27 15.92
N ALA A 169 19.64 20.17 14.60
CA ALA A 169 18.54 19.31 14.12
C ALA A 169 18.82 17.92 14.35
N LEU A 170 20.11 17.52 14.14
CA LEU A 170 20.44 16.14 14.41
C LEU A 170 20.15 15.73 15.88
N LEU A 171 20.56 16.64 16.75
CA LEU A 171 20.38 16.38 18.20
C LEU A 171 18.88 16.07 18.51
N GLU A 172 18.02 16.94 17.99
CA GLU A 172 16.56 16.72 18.15
C GLU A 172 16.11 15.45 17.55
N ALA A 173 16.63 15.15 16.34
CA ALA A 173 16.22 13.93 15.71
C ALA A 173 16.56 12.72 16.54
N GLN A 174 17.73 12.79 17.22
CA GLN A 174 18.18 11.66 18.06
C GLN A 174 17.24 11.45 19.33
N ARG A 175 16.88 12.57 19.92
CA ARG A 175 15.92 12.69 21.03
C ARG A 175 14.56 12.10 20.63
N LEU A 176 14.01 12.49 19.46
CA LEU A 176 12.76 11.88 18.93
C LEU A 176 12.90 10.42 18.64
N GLY A 177 14.10 9.86 18.77
CA GLY A 177 14.32 8.45 18.49
C GLY A 177 14.36 8.09 17.01
N TYR A 178 14.44 9.07 16.11
CA TYR A 178 14.49 8.73 14.65
C TYR A 178 15.79 8.10 14.18
N ALA A 179 16.92 8.53 14.74
CA ALA A 179 18.26 8.13 14.22
C ALA A 179 18.64 6.71 14.48
N GLU A 180 19.44 6.17 13.60
CA GLU A 180 20.13 4.93 13.91
C GLU A 180 21.17 5.17 15.10
N ALA A 181 21.60 4.06 15.71
CA ALA A 181 22.48 4.07 16.90
C ALA A 181 23.68 4.97 16.54
N ASP A 182 24.25 4.65 15.40
CA ASP A 182 25.14 5.64 14.73
C ASP A 182 24.51 6.45 13.55
N PRO A 183 24.37 7.76 13.72
CA PRO A 183 23.68 8.66 12.84
C PRO A 183 24.35 8.78 11.49
N THR A 184 25.62 8.38 11.39
CA THR A 184 26.29 8.34 10.14
C THR A 184 25.43 7.51 9.06
N LEU A 185 24.83 6.44 9.50
CA LEU A 185 24.05 5.60 8.53
C LEU A 185 22.89 6.45 7.93
N ASP A 186 22.31 7.34 8.72
CA ASP A 186 21.31 8.27 8.27
C ASP A 186 21.88 9.36 7.38
N VAL A 187 22.86 10.09 7.87
CA VAL A 187 23.27 11.31 7.21
C VAL A 187 24.13 11.10 5.99
N GLU A 188 24.69 9.91 5.76
CA GLU A 188 25.48 9.61 4.58
C GLU A 188 24.70 8.75 3.58
N GLY A 189 23.40 8.63 3.78
CA GLY A 189 22.57 7.95 2.79
C GLY A 189 22.54 6.44 2.88
N ILE A 190 23.21 5.83 3.86
CA ILE A 190 23.37 4.41 3.86
C ILE A 190 22.02 3.67 4.22
N ASP A 191 21.35 4.18 5.23
CA ASP A 191 20.09 3.68 5.68
C ASP A 191 19.09 3.77 4.47
N ALA A 192 19.05 4.92 3.79
CA ALA A 192 18.25 5.05 2.55
C ALA A 192 18.62 4.01 1.54
N ALA A 193 19.93 3.71 1.37
CA ALA A 193 20.39 2.74 0.45
C ALA A 193 20.05 1.31 0.82
N HIS A 194 20.08 0.99 2.14
CA HIS A 194 19.60 -0.30 2.63
C HIS A 194 18.07 -0.43 2.14
N LYS A 195 17.30 0.58 2.44
CA LYS A 195 15.84 0.53 2.12
C LYS A 195 15.61 0.38 0.63
N LEU A 196 16.31 1.16 -0.18
CA LEU A 196 16.20 1.10 -1.63
C LEU A 196 16.52 -0.18 -2.18
N THR A 197 17.53 -0.85 -1.62
CA THR A 197 17.82 -2.16 -2.05
C THR A 197 16.71 -3.15 -1.83
N LEU A 198 16.06 -3.09 -0.65
CA LEU A 198 14.96 -4.00 -0.41
C LEU A 198 13.79 -3.75 -1.41
N LEU A 199 13.50 -2.50 -1.64
CA LEU A 199 12.46 -2.18 -2.68
C LEU A 199 12.78 -2.73 -4.05
N ALA A 200 14.03 -2.64 -4.49
CA ALA A 200 14.45 -3.18 -5.75
C ALA A 200 14.30 -4.66 -5.80
N ARG A 201 14.58 -5.36 -4.71
CA ARG A 201 14.51 -6.80 -4.74
C ARG A 201 13.07 -7.28 -4.79
N LEU A 202 12.16 -6.47 -4.26
CA LEU A 202 10.73 -6.87 -4.29
C LEU A 202 10.15 -6.70 -5.69
N LEU A 203 10.47 -5.59 -6.32
CA LEU A 203 9.82 -5.18 -7.50
C LEU A 203 10.51 -5.60 -8.78
N VAL A 204 11.83 -5.44 -8.84
CA VAL A 204 12.53 -5.43 -10.15
C VAL A 204 13.64 -6.48 -10.22
N ASP A 205 14.32 -6.81 -9.11
CA ASP A 205 15.42 -7.79 -9.27
C ASP A 205 15.80 -8.44 -7.95
N PRO A 206 15.51 -9.71 -7.83
CA PRO A 206 15.57 -10.35 -6.54
C PRO A 206 17.02 -10.52 -6.08
N GLY A 207 18.01 -10.41 -7.00
CA GLY A 207 19.43 -10.46 -6.62
C GLY A 207 20.06 -9.12 -6.45
N PHE A 208 19.29 -8.02 -6.44
CA PHE A 208 19.90 -6.71 -6.45
C PHE A 208 20.90 -6.52 -5.32
N PRO A 209 22.19 -6.27 -5.66
CA PRO A 209 23.17 -6.10 -4.56
C PRO A 209 23.19 -4.77 -3.91
N PHE A 210 23.25 -4.76 -2.57
CA PHE A 210 23.33 -3.53 -1.82
C PHE A 210 24.54 -2.73 -2.31
N ALA A 211 25.61 -3.45 -2.61
CA ALA A 211 26.91 -2.72 -3.00
C ALA A 211 26.76 -1.89 -4.28
N GLU A 212 25.75 -2.18 -5.11
CA GLU A 212 25.56 -1.45 -6.39
C GLU A 212 24.86 -0.15 -6.20
N VAL A 213 24.28 0.10 -5.03
CA VAL A 213 23.64 1.36 -4.79
C VAL A 213 24.69 2.45 -4.63
N GLU A 214 24.59 3.53 -5.40
CA GLU A 214 25.46 4.69 -5.27
CA GLU A 214 25.49 4.66 -5.24
C GLU A 214 24.84 5.63 -4.32
N ALA A 215 25.46 5.87 -3.19
CA ALA A 215 24.90 6.62 -2.11
C ALA A 215 25.74 7.79 -1.70
N GLN A 216 25.11 8.94 -1.55
N GLN A 216 25.12 8.95 -1.67
CA GLN A 216 25.70 10.19 -1.05
CA GLN A 216 25.61 10.18 -1.02
C GLN A 216 24.69 10.90 -0.19
C GLN A 216 24.66 10.56 0.07
N GLY A 217 25.14 11.41 0.96
CA GLY A 217 24.29 11.96 1.96
C GLY A 217 24.12 13.41 1.90
N ILE A 218 23.79 13.99 3.03
CA ILE A 218 23.47 15.44 3.06
C ILE A 218 24.59 16.32 3.60
N ALA A 219 25.81 15.84 3.57
CA ALA A 219 26.96 16.62 4.19
C ALA A 219 27.37 17.91 3.59
N ARG A 220 27.08 18.12 2.32
CA ARG A 220 27.31 19.42 1.71
C ARG A 220 26.14 20.40 1.91
N LEU A 221 25.06 19.99 2.54
CA LEU A 221 23.94 20.89 2.69
C LEU A 221 23.99 21.73 3.96
N THR A 222 23.58 22.99 3.77
CA THR A 222 23.47 23.99 4.79
C THR A 222 22.13 24.76 4.71
N PRO A 223 21.69 25.45 5.81
CA PRO A 223 20.54 26.32 5.69
C PRO A 223 20.66 27.30 4.50
N GLU A 224 21.86 27.73 4.17
CA GLU A 224 22.04 28.64 3.05
C GLU A 224 21.70 27.98 1.73
N VAL A 225 22.18 26.76 1.53
CA VAL A 225 21.90 26.05 0.29
C VAL A 225 20.37 25.85 0.10
N LEU A 226 19.72 25.52 1.18
CA LEU A 226 18.31 25.24 1.18
C LEU A 226 17.51 26.50 0.90
N GLN A 227 17.85 27.60 1.57
CA GLN A 227 17.25 28.92 1.28
C GLN A 227 17.46 29.40 -0.17
N LYS A 228 18.57 29.07 -0.77
CA LYS A 228 18.82 29.44 -2.13
C LYS A 228 17.88 28.62 -3.01
N ALA A 229 17.66 27.35 -2.64
CA ALA A 229 16.75 26.45 -3.36
C ALA A 229 15.32 27.02 -3.35
N GLU A 230 14.88 27.35 -2.16
CA GLU A 230 13.54 27.90 -1.93
C GLU A 230 13.34 29.13 -2.86
N ALA A 231 14.30 30.02 -2.88
CA ALA A 231 14.25 31.18 -3.74
C ALA A 231 14.11 30.83 -5.22
N ARG A 232 14.63 29.68 -5.65
CA ARG A 232 14.38 29.15 -7.02
C ARG A 232 13.02 28.36 -7.16
N GLY A 233 12.13 28.41 -6.16
CA GLY A 233 10.95 27.52 -6.13
C GLY A 233 11.27 26.01 -6.04
N GLU A 234 12.38 25.64 -5.35
CA GLU A 234 12.76 24.24 -5.21
C GLU A 234 12.85 23.81 -3.76
N ARG A 235 12.85 22.49 -3.50
CA ARG A 235 13.22 22.02 -2.17
C ARG A 235 14.33 21.02 -2.46
N VAL A 236 15.28 20.89 -1.54
CA VAL A 236 16.28 19.84 -1.63
C VAL A 236 15.90 18.70 -0.73
N ARG A 237 15.90 17.46 -1.25
CA ARG A 237 15.67 16.35 -0.41
C ARG A 237 16.67 15.32 -0.73
N LEU A 238 16.95 14.49 0.26
CA LEU A 238 17.64 13.21 0.00
C LEU A 238 16.68 12.21 -0.64
N VAL A 239 16.97 11.79 -1.86
CA VAL A 239 16.09 10.94 -2.62
C VAL A 239 16.75 9.68 -3.04
N ALA A 240 16.03 8.58 -2.88
CA ALA A 240 16.44 7.22 -3.22
C ALA A 240 15.78 6.89 -4.54
N SER A 241 16.55 6.65 -5.61
CA SER A 241 15.98 6.43 -7.00
C SER A 241 16.29 5.11 -7.55
N LEU A 242 15.31 4.51 -8.25
CA LEU A 242 15.50 3.30 -8.98
C LEU A 242 15.02 3.54 -10.46
N PHE A 243 15.85 3.23 -11.43
CA PHE A 243 15.58 3.57 -12.86
C PHE A 243 16.46 2.72 -13.76
N GLY A 244 16.04 2.56 -15.01
CA GLY A 244 16.83 1.72 -15.94
C GLY A 244 17.95 2.54 -16.53
N GLU A 245 19.10 1.93 -16.72
CA GLU A 245 20.22 2.54 -17.47
C GLU A 245 20.98 1.47 -18.18
N GLY A 246 21.33 1.85 -19.42
CA GLY A 246 21.62 0.91 -20.50
C GLY A 246 21.15 -0.51 -20.24
N GLY A 247 19.84 -0.77 -20.29
CA GLY A 247 19.37 -2.17 -20.06
C GLY A 247 19.47 -2.77 -18.63
N ARG A 248 19.95 -1.99 -17.65
CA ARG A 248 20.09 -2.53 -16.28
C ARG A 248 19.29 -1.62 -15.32
N TRP A 249 18.88 -2.16 -14.17
CA TRP A 249 18.47 -1.33 -13.00
C TRP A 249 19.62 -0.67 -12.29
N ARG A 250 19.50 0.61 -12.08
CA ARG A 250 20.38 1.41 -11.33
C ARG A 250 19.69 2.03 -10.11
N ALA A 251 20.43 2.11 -9.00
CA ALA A 251 19.93 2.59 -7.74
C ALA A 251 20.85 3.67 -7.23
N ALA A 252 20.27 4.79 -6.87
CA ALA A 252 21.06 5.86 -6.25
C ALA A 252 20.39 6.56 -5.15
N VAL A 253 21.20 7.09 -4.20
CA VAL A 253 20.77 7.94 -3.18
C VAL A 253 21.57 9.19 -3.23
N ALA A 254 20.91 10.33 -3.26
CA ALA A 254 21.56 11.63 -3.34
C ALA A 254 20.65 12.75 -3.08
N PRO A 255 21.17 13.90 -2.64
CA PRO A 255 20.34 15.08 -2.59
C PRO A 255 19.90 15.52 -3.96
N ARG A 256 18.64 15.96 -4.07
CA ARG A 256 18.11 16.35 -5.36
C ARG A 256 17.33 17.61 -5.19
N ARG A 257 17.36 18.43 -6.23
CA ARG A 257 16.50 19.59 -6.34
C ARG A 257 15.14 19.17 -6.93
N LEU A 258 14.07 19.42 -6.19
CA LEU A 258 12.73 19.02 -6.56
C LEU A 258 11.94 20.33 -6.73
N PRO A 259 10.97 20.35 -7.68
CA PRO A 259 9.99 21.44 -7.65
C PRO A 259 9.23 21.44 -6.35
N GLN A 260 9.04 22.61 -5.78
CA GLN A 260 8.40 22.72 -4.48
C GLN A 260 6.99 22.16 -4.38
N ASP A 261 6.34 22.01 -5.50
CA ASP A 261 4.99 21.46 -5.46
CA ASP A 261 4.99 21.54 -5.68
C ASP A 261 4.95 20.01 -5.79
N HIS A 262 6.10 19.39 -6.06
CA HIS A 262 6.12 17.97 -6.28
C HIS A 262 5.68 17.22 -5.02
N PRO A 263 4.93 16.10 -5.19
CA PRO A 263 4.48 15.29 -4.03
C PRO A 263 5.66 14.99 -3.05
N LEU A 264 6.79 14.67 -3.59
CA LEU A 264 7.98 14.39 -2.76
C LEU A 264 8.47 15.57 -1.99
N ALA A 265 8.37 16.80 -2.54
CA ALA A 265 8.73 17.99 -1.83
C ALA A 265 7.79 18.42 -0.78
N ARG A 266 6.53 18.11 -0.96
CA ARG A 266 5.51 18.48 -0.02
C ARG A 266 5.27 17.46 1.10
N ALA A 267 5.30 16.19 0.74
N ALA A 267 5.87 16.27 0.98
CA ALA A 267 4.81 15.10 1.57
CA ALA A 267 5.80 15.25 2.04
C ALA A 267 4.98 15.28 3.07
C ALA A 267 6.43 15.63 3.37
N ARG A 268 3.96 14.80 3.78
N ARG A 268 5.55 15.57 4.38
CA ARG A 268 3.99 14.79 5.22
CA ARG A 268 5.92 15.81 5.73
C ARG A 268 4.70 13.49 5.70
C ARG A 268 6.46 14.57 6.35
N GLY A 269 6.07 13.39 5.92
CA GLY A 269 6.93 12.24 6.29
C GLY A 269 7.64 11.60 5.14
N ASN A 270 7.96 10.33 5.34
CA ASN A 270 8.61 9.47 4.36
CA ASN A 270 8.58 9.67 4.28
C ASN A 270 7.58 9.34 3.19
N ALA A 271 8.09 9.06 2.00
CA ALA A 271 7.21 9.03 0.76
C ALA A 271 7.85 8.19 -0.25
N LEU A 272 7.05 7.42 -1.01
CA LEU A 272 7.54 6.66 -2.11
C LEU A 272 6.66 7.05 -3.31
N TRP A 273 7.29 7.46 -4.42
CA TRP A 273 6.63 7.94 -5.61
C TRP A 273 7.09 7.10 -6.76
N VAL A 274 6.09 6.61 -7.49
CA VAL A 274 6.36 5.72 -8.59
C VAL A 274 5.60 6.16 -9.87
N ARG A 275 6.23 5.90 -10.98
CA ARG A 275 5.55 5.94 -12.32
C ARG A 275 5.73 4.57 -12.90
N ALA A 276 4.64 3.98 -13.34
CA ALA A 276 4.62 2.61 -13.77
C ALA A 276 3.64 2.41 -14.96
N ARG A 277 3.93 1.41 -15.76
CA ARG A 277 3.07 1.03 -16.90
C ARG A 277 2.26 -0.19 -16.69
N PRO A 278 0.95 -0.12 -16.83
CA PRO A 278 0.11 0.99 -17.32
C PRO A 278 -0.53 1.79 -16.24
N LEU A 279 -0.27 1.53 -14.95
CA LEU A 279 -1.08 2.28 -13.90
C LEU A 279 -0.98 3.73 -14.01
N GLY A 280 0.21 4.26 -14.13
CA GLY A 280 0.43 5.68 -14.18
C GLY A 280 1.29 6.13 -12.92
N GLU A 281 0.93 7.24 -12.29
N GLU A 281 0.95 7.25 -12.31
CA GLU A 281 1.71 7.84 -11.21
CA GLU A 281 1.72 7.79 -11.22
C GLU A 281 1.04 7.65 -9.85
C GLU A 281 0.99 7.52 -9.90
N ALA A 282 1.70 6.91 -8.92
CA ALA A 282 1.12 6.63 -7.60
C ALA A 282 2.11 7.03 -6.48
N PHE A 283 1.61 7.47 -5.33
N PHE A 283 1.58 7.23 -5.27
CA PHE A 283 2.54 7.66 -4.23
CA PHE A 283 2.36 7.86 -4.19
C PHE A 283 1.89 7.29 -2.92
C PHE A 283 1.84 7.55 -2.82
N VAL A 284 2.73 7.11 -1.91
CA VAL A 284 2.32 6.85 -0.52
C VAL A 284 3.21 7.64 0.41
N THR A 285 2.67 8.08 1.53
CA THR A 285 3.40 8.92 2.49
CA THR A 285 3.47 8.84 2.48
C THR A 285 2.96 8.54 3.85
N GLY A 286 3.87 8.57 4.84
CA GLY A 286 3.49 8.58 6.21
C GLY A 286 4.78 8.50 7.05
N PRO A 287 4.61 8.25 8.32
CA PRO A 287 5.82 8.27 9.21
C PRO A 287 6.68 7.10 8.93
N GLY A 288 7.96 7.41 8.84
CA GLY A 288 8.96 6.46 8.45
C GLY A 288 9.90 6.01 9.57
N ALA A 289 9.67 6.45 10.79
CA ALA A 289 10.53 6.15 11.89
C ALA A 289 9.78 6.34 13.16
N GLY A 290 10.33 5.83 14.26
CA GLY A 290 9.70 6.00 15.55
C GLY A 290 9.25 4.65 16.06
N GLY A 291 9.08 4.58 17.39
CA GLY A 291 8.73 3.32 18.02
C GLY A 291 7.34 2.83 17.63
N GLY A 292 6.34 3.67 17.85
CA GLY A 292 4.97 3.36 17.60
C GLY A 292 4.75 3.10 16.06
N ALA A 293 5.30 3.95 15.18
CA ALA A 293 5.20 3.72 13.72
C ALA A 293 5.74 2.40 13.28
N THR A 294 6.88 2.04 13.83
CA THR A 294 7.46 0.75 13.53
C THR A 294 6.75 -0.45 14.13
N ALA A 295 6.29 -0.33 15.38
CA ALA A 295 5.54 -1.38 15.97
C ALA A 295 4.28 -1.69 15.11
N SER A 296 3.64 -0.62 14.61
CA SER A 296 2.49 -0.77 13.68
C SER A 296 2.80 -1.69 12.54
N GLY A 297 3.96 -1.47 11.96
CA GLY A 297 4.43 -2.28 10.86
C GLY A 297 4.62 -3.74 11.21
N LEU A 298 5.30 -3.94 12.31
CA LEU A 298 5.60 -5.32 12.78
C LEU A 298 4.26 -6.00 13.11
N PHE A 299 3.37 -5.30 13.76
CA PHE A 299 2.06 -5.89 14.13
C PHE A 299 1.21 -6.18 12.84
N ALA A 300 1.26 -5.28 11.86
CA ALA A 300 0.65 -5.56 10.49
C ALA A 300 1.14 -6.82 9.94
N ASP A 301 2.44 -7.05 10.03
CA ASP A 301 3.00 -8.29 9.57
C ASP A 301 2.56 -9.52 10.38
N LEU A 302 2.46 -9.35 11.70
CA LEU A 302 1.99 -10.45 12.51
CA LEU A 302 1.95 -10.41 12.55
C LEU A 302 0.53 -10.84 12.06
N LEU A 303 -0.33 -9.85 11.88
CA LEU A 303 -1.72 -10.14 11.38
C LEU A 303 -1.71 -10.79 10.00
N ARG A 304 -0.76 -10.35 9.13
CA ARG A 304 -0.58 -10.92 7.82
C ARG A 304 -0.29 -12.40 7.95
N PHE A 305 0.69 -12.70 8.79
CA PHE A 305 1.07 -14.11 9.11
C PHE A 305 -0.13 -14.90 9.67
N LEU A 306 -0.83 -14.30 10.58
CA LEU A 306 -1.87 -15.04 11.25
C LEU A 306 -3.02 -15.32 10.30
N SER A 307 -3.19 -14.51 9.27
CA SER A 307 -4.33 -14.72 8.34
C SER A 307 -4.00 -15.78 7.31
N GLY A 308 -2.80 -16.36 7.34
CA GLY A 308 -2.39 -17.34 6.36
C GLY A 308 -1.67 -16.80 5.16
N ALA A 309 -1.31 -15.54 5.16
CA ALA A 309 -0.52 -15.01 4.05
C ALA A 309 0.98 -15.21 4.34
N PRO A 310 1.74 -15.57 3.37
CA PRO A 310 3.19 -15.52 3.39
C PRO A 310 3.84 -14.23 3.52
N GLY A 311 5.14 -14.27 3.83
CA GLY A 311 5.97 -13.06 3.95
C GLY A 311 6.19 -12.36 2.60
N HIS A 312 7.02 -11.34 2.62
CA HIS A 312 7.38 -10.57 1.43
C HIS A 312 8.35 -11.34 0.58
N LEU A 313 7.92 -11.71 -0.61
CA LEU A 313 8.69 -12.48 -1.53
C LEU A 313 9.52 -11.56 -2.38
N PRO A 314 10.76 -11.98 -2.71
CA PRO A 314 11.49 -11.28 -3.76
C PRO A 314 10.75 -11.39 -5.09
N ALA A 315 10.97 -10.46 -6.01
CA ALA A 315 10.57 -10.68 -7.41
C ALA A 315 10.98 -12.06 -7.86
N PRO A 316 10.13 -12.74 -8.59
CA PRO A 316 10.40 -14.10 -9.04
C PRO A 316 11.54 -14.19 -10.03
N ARG A 317 11.81 -13.11 -10.73
CA ARG A 317 12.88 -13.06 -11.72
C ARG A 317 13.15 -11.56 -11.97
N ALA A 318 14.38 -11.23 -12.30
CA ALA A 318 14.69 -9.86 -12.65
C ALA A 318 13.75 -9.42 -13.79
N ARG A 319 13.21 -8.20 -13.75
CA ARG A 319 12.32 -7.72 -14.78
CA ARG A 319 12.31 -7.72 -14.77
C ARG A 319 13.13 -6.87 -15.74
N PRO A 320 12.77 -6.89 -17.04
CA PRO A 320 13.44 -5.94 -18.02
C PRO A 320 13.06 -4.48 -17.84
N PRO A 321 14.01 -3.56 -17.75
CA PRO A 321 13.61 -2.12 -17.68
C PRO A 321 12.97 -1.68 -18.99
N LEU A 322 11.99 -0.82 -18.91
CA LEU A 322 11.32 -0.32 -20.11
C LEU A 322 11.87 1.01 -20.59
N GLU A 323 12.40 1.81 -19.71
CA GLU A 323 12.82 3.16 -19.98
C GLU A 323 14.26 3.27 -19.56
N GLU A 324 15.03 4.01 -20.34
CA GLU A 324 16.44 4.29 -20.20
C GLU A 324 16.55 5.60 -19.57
N GLY A 325 15.46 6.39 -19.68
CA GLY A 325 15.17 7.54 -18.82
C GLY A 325 15.78 7.59 -17.40
N SER A 326 17.11 7.68 -17.32
CA SER A 326 17.81 8.12 -16.13
C SER A 326 17.49 9.59 -15.77
N PRO A 327 16.72 9.85 -14.71
CA PRO A 327 16.35 11.23 -14.57
C PRO A 327 17.48 11.89 -13.79
N TRP A 328 17.42 13.21 -13.74
CA TRP A 328 18.04 14.00 -12.67
C TRP A 328 18.74 15.40 -12.85
N PRO A 329 18.42 16.35 -11.89
CA PRO A 329 19.13 17.38 -11.01
C PRO A 329 19.62 17.08 -9.51
N GLY A 330 20.79 16.44 -9.35
CA GLY A 330 21.68 16.79 -8.19
C GLY A 330 21.86 18.27 -7.64
N VAL A 331 22.54 18.36 -6.47
CA VAL A 331 22.97 19.61 -5.78
C VAL A 331 24.44 19.52 -5.43
N MET B 1 6.02 -26.67 -17.29
CA MET B 1 5.11 -25.50 -17.48
C MET B 1 3.63 -25.94 -17.56
N GLU B 2 2.82 -25.43 -16.61
CA GLU B 2 1.40 -25.80 -16.44
C GLU B 2 0.54 -24.64 -16.91
N ALA B 3 -0.65 -24.98 -17.36
CA ALA B 3 -1.63 -23.99 -17.80
C ALA B 3 -2.18 -23.29 -16.55
N LEU B 4 -2.24 -21.95 -16.60
CA LEU B 4 -3.10 -21.21 -15.63
C LEU B 4 -4.41 -20.88 -16.40
N LYS B 5 -5.47 -21.55 -16.09
CA LYS B 5 -6.71 -21.47 -16.84
C LYS B 5 -7.67 -20.42 -16.25
N ILE B 6 -7.92 -19.42 -17.05
CA ILE B 6 -8.65 -18.25 -16.63
C ILE B 6 -9.96 -18.18 -17.37
N ALA B 7 -11.06 -18.07 -16.65
CA ALA B 7 -12.35 -17.61 -17.28
C ALA B 7 -12.53 -16.12 -17.07
N LEU B 8 -12.65 -15.35 -18.15
CA LEU B 8 -12.80 -13.94 -18.08
C LEU B 8 -14.29 -13.55 -18.34
N LEU B 9 -14.91 -12.82 -17.41
CA LEU B 9 -16.32 -12.38 -17.53
C LEU B 9 -16.29 -10.94 -17.84
N GLY B 10 -16.57 -10.55 -19.11
CA GLY B 10 -16.44 -9.20 -19.54
C GLY B 10 -15.22 -8.95 -20.45
N GLY B 11 -15.46 -8.21 -21.53
CA GLY B 11 -14.48 -7.98 -22.59
C GLY B 11 -14.44 -6.54 -23.04
N GLY B 12 -14.80 -5.67 -22.09
CA GLY B 12 -14.99 -4.24 -22.33
C GLY B 12 -13.73 -3.54 -22.01
N THR B 13 -13.82 -2.27 -21.64
CA THR B 13 -12.70 -1.46 -21.33
C THR B 13 -11.72 -2.18 -20.37
N VAL B 14 -12.25 -2.71 -19.29
CA VAL B 14 -11.44 -3.38 -18.31
C VAL B 14 -11.02 -4.78 -18.77
N GLY B 15 -11.97 -5.61 -19.20
CA GLY B 15 -11.73 -7.02 -19.57
C GLY B 15 -10.71 -7.07 -20.72
N SER B 16 -10.85 -6.16 -21.67
CA SER B 16 -9.90 -6.09 -22.80
C SER B 16 -8.53 -5.67 -22.38
N ALA B 17 -8.44 -4.62 -21.57
CA ALA B 17 -7.16 -4.20 -21.03
C ALA B 17 -6.51 -5.30 -20.26
N PHE B 18 -7.28 -6.01 -19.45
CA PHE B 18 -6.77 -7.10 -18.70
C PHE B 18 -6.23 -8.26 -19.63
N TYR B 19 -7.10 -8.71 -20.50
CA TYR B 19 -6.75 -9.76 -21.49
C TYR B 19 -5.41 -9.43 -22.17
N ASN B 20 -5.31 -8.25 -22.76
CA ASN B 20 -4.07 -7.84 -23.38
C ASN B 20 -2.83 -7.65 -22.46
N LEU B 21 -3.09 -7.27 -21.23
CA LEU B 21 -2.00 -7.15 -20.23
CA LEU B 21 -1.98 -7.13 -20.27
C LEU B 21 -1.47 -8.56 -19.93
N VAL B 22 -2.38 -9.50 -19.74
CA VAL B 22 -2.00 -10.90 -19.46
C VAL B 22 -1.09 -11.41 -20.59
N LEU B 23 -1.51 -11.19 -21.80
CA LEU B 23 -0.73 -11.67 -22.99
C LEU B 23 0.60 -11.02 -23.04
N GLU B 24 0.63 -9.71 -22.83
CA GLU B 24 1.90 -9.03 -22.89
C GLU B 24 2.89 -9.42 -21.80
N ARG B 25 2.38 -9.87 -20.66
CA ARG B 25 3.17 -10.21 -19.46
C ARG B 25 3.36 -11.72 -19.33
N ALA B 26 3.13 -12.47 -20.42
CA ALA B 26 3.14 -13.92 -20.31
C ALA B 26 4.56 -14.43 -19.88
N GLU B 27 5.62 -13.76 -20.29
N GLU B 27 5.61 -13.78 -20.36
CA GLU B 27 6.98 -14.13 -19.87
CA GLU B 27 6.98 -14.06 -19.87
C GLU B 27 7.31 -13.89 -18.37
C GLU B 27 7.05 -14.04 -18.33
N GLU B 28 6.64 -12.91 -17.76
CA GLU B 28 6.61 -12.76 -16.28
C GLU B 28 5.89 -13.99 -15.65
N LEU B 29 4.80 -14.47 -16.22
CA LEU B 29 4.13 -15.61 -15.63
C LEU B 29 4.89 -16.90 -15.69
N SER B 30 5.74 -17.08 -16.71
CA SER B 30 6.56 -18.29 -16.75
C SER B 30 7.47 -18.38 -15.55
N ALA B 31 7.79 -17.25 -14.95
CA ALA B 31 8.55 -17.33 -13.67
C ALA B 31 7.86 -18.03 -12.52
N PHE B 32 6.53 -18.27 -12.57
CA PHE B 32 5.82 -19.13 -11.63
C PHE B 32 5.55 -20.49 -12.26
N GLY B 33 6.13 -20.76 -13.42
CA GLY B 33 5.85 -22.05 -14.03
C GLY B 33 4.47 -22.19 -14.62
N VAL B 34 3.86 -21.07 -15.02
CA VAL B 34 2.58 -21.16 -15.74
C VAL B 34 2.57 -20.41 -17.02
N VAL B 35 1.65 -20.85 -17.88
CA VAL B 35 1.32 -20.12 -19.08
C VAL B 35 -0.18 -19.78 -19.02
N PRO B 36 -0.50 -18.56 -19.26
CA PRO B 36 -1.94 -18.23 -19.15
C PRO B 36 -2.80 -18.81 -20.32
N ARG B 37 -3.84 -19.54 -20.00
CA ARG B 37 -4.82 -19.94 -21.03
C ARG B 37 -6.26 -19.55 -20.69
N PHE B 38 -6.83 -18.70 -21.49
CA PHE B 38 -8.21 -18.28 -21.36
C PHE B 38 -9.16 -19.33 -21.89
N LEU B 39 -10.00 -19.85 -21.01
CA LEU B 39 -11.05 -20.79 -21.39
C LEU B 39 -12.18 -20.16 -22.20
N GLY B 40 -12.35 -18.86 -22.14
CA GLY B 40 -13.46 -18.17 -22.80
C GLY B 40 -13.56 -16.80 -22.19
N VAL B 41 -14.16 -15.92 -22.93
CA VAL B 41 -14.40 -14.54 -22.53
C VAL B 41 -15.85 -14.17 -22.80
N LEU B 42 -16.60 -13.88 -21.73
CA LEU B 42 -18.09 -13.59 -21.82
C LEU B 42 -18.28 -12.25 -22.20
N VAL B 43 -19.04 -12.08 -23.31
CA VAL B 43 -19.34 -10.74 -23.81
C VAL B 43 -20.84 -10.69 -24.29
N ARG B 44 -21.33 -9.50 -24.47
CA ARG B 44 -22.74 -9.28 -24.88
C ARG B 44 -22.85 -9.44 -26.38
N ASP B 45 -21.89 -8.85 -27.09
CA ASP B 45 -21.88 -8.72 -28.53
C ASP B 45 -20.64 -9.23 -29.22
N PRO B 46 -20.60 -10.50 -29.63
CA PRO B 46 -19.38 -11.01 -30.25
C PRO B 46 -19.01 -10.34 -31.54
N ARG B 47 -19.86 -9.43 -32.04
CA ARG B 47 -19.59 -8.79 -33.31
C ARG B 47 -18.75 -7.55 -33.17
N LYS B 48 -18.69 -6.87 -32.01
CA LYS B 48 -17.93 -5.60 -31.96
C LYS B 48 -16.43 -5.87 -32.25
N PRO B 49 -15.73 -4.96 -32.87
CA PRO B 49 -14.25 -4.94 -32.94
C PRO B 49 -13.71 -5.06 -31.53
N ARG B 50 -12.78 -5.97 -31.27
CA ARG B 50 -12.35 -6.23 -29.91
C ARG B 50 -10.99 -6.83 -30.01
N ALA B 51 -10.09 -6.46 -29.09
CA ALA B 51 -8.68 -6.89 -29.06
C ALA B 51 -8.49 -8.21 -28.34
N ILE B 52 -9.43 -9.07 -28.54
CA ILE B 52 -9.52 -10.39 -27.98
C ILE B 52 -9.92 -11.32 -29.17
N PRO B 53 -9.36 -12.54 -29.23
CA PRO B 53 -9.69 -13.41 -30.38
C PRO B 53 -11.14 -13.87 -30.47
N GLN B 54 -11.70 -13.71 -31.68
CA GLN B 54 -13.09 -14.14 -31.93
C GLN B 54 -13.37 -15.46 -31.38
N GLU B 55 -12.47 -16.41 -31.60
CA GLU B 55 -12.76 -17.76 -31.13
C GLU B 55 -12.85 -17.96 -29.62
N LEU B 56 -12.33 -17.02 -28.81
CA LEU B 56 -12.53 -17.20 -27.36
C LEU B 56 -13.84 -16.53 -26.86
N LEU B 57 -14.46 -15.67 -27.69
CA LEU B 57 -15.66 -14.93 -27.29
C LEU B 57 -16.83 -15.87 -27.10
N ARG B 58 -17.54 -15.68 -25.96
CA ARG B 58 -18.76 -16.39 -25.62
C ARG B 58 -19.88 -15.37 -25.41
N ALA B 59 -21.00 -15.51 -26.14
CA ALA B 59 -22.20 -14.65 -25.96
C ALA B 59 -23.16 -15.25 -24.95
N GLU B 60 -22.88 -16.47 -24.57
CA GLU B 60 -23.68 -17.08 -23.58
C GLU B 60 -22.78 -17.60 -22.52
N PRO B 61 -23.31 -17.81 -21.31
CA PRO B 61 -22.54 -18.34 -20.20
C PRO B 61 -21.94 -19.68 -20.50
N PHE B 62 -20.77 -19.94 -19.96
CA PHE B 62 -19.98 -21.14 -20.26
C PHE B 62 -19.53 -21.71 -18.94
N ASP B 63 -19.21 -22.99 -18.96
CA ASP B 63 -18.85 -23.67 -17.80
C ASP B 63 -17.50 -23.07 -17.30
N LEU B 64 -17.50 -22.78 -16.01
CA LEU B 64 -16.38 -22.15 -15.31
C LEU B 64 -15.63 -23.17 -14.49
N LEU B 65 -16.16 -24.37 -14.29
CA LEU B 65 -15.60 -25.24 -13.29
C LEU B 65 -14.21 -25.87 -13.56
N GLU B 66 -13.68 -25.74 -14.75
CA GLU B 66 -12.32 -26.20 -15.04
C GLU B 66 -11.31 -25.07 -14.85
N ALA B 67 -11.77 -23.85 -14.49
CA ALA B 67 -10.86 -22.71 -14.40
C ALA B 67 -10.02 -22.80 -13.15
N ASP B 68 -8.81 -22.24 -13.21
CA ASP B 68 -8.05 -21.99 -12.01
C ASP B 68 -8.45 -20.63 -11.34
N LEU B 69 -8.92 -19.69 -12.14
CA LEU B 69 -9.31 -18.37 -11.68
C LEU B 69 -10.51 -17.92 -12.58
N VAL B 70 -11.48 -17.22 -11.97
CA VAL B 70 -12.48 -16.40 -12.64
C VAL B 70 -12.09 -15.01 -12.40
N VAL B 71 -11.92 -14.23 -13.46
CA VAL B 71 -11.73 -12.83 -13.41
C VAL B 71 -13.02 -12.18 -13.94
N GLU B 72 -13.62 -11.28 -13.16
CA GLU B 72 -14.87 -10.65 -13.50
C GLU B 72 -14.78 -9.18 -13.62
N ALA B 73 -15.25 -8.69 -14.77
CA ALA B 73 -15.36 -7.27 -15.02
C ALA B 73 -16.53 -6.97 -16.04
N MET B 74 -17.66 -7.52 -15.70
CA MET B 74 -18.85 -7.46 -16.54
C MET B 74 -19.81 -6.30 -16.09
N GLY B 75 -19.73 -5.87 -14.84
CA GLY B 75 -20.66 -4.90 -14.34
C GLY B 75 -21.96 -5.53 -13.88
N GLY B 76 -22.71 -4.70 -13.15
CA GLY B 76 -23.96 -5.15 -12.41
C GLY B 76 -23.69 -5.97 -11.20
N VAL B 77 -24.73 -6.58 -10.69
CA VAL B 77 -24.67 -7.31 -9.44
C VAL B 77 -25.19 -8.72 -9.65
N GLU B 78 -26.53 -8.84 -9.90
CA GLU B 78 -27.12 -10.16 -9.82
C GLU B 78 -26.56 -11.15 -10.85
N ALA B 79 -26.31 -10.68 -12.06
CA ALA B 79 -25.83 -11.58 -13.11
C ALA B 79 -24.41 -12.13 -12.87
N PRO B 80 -23.44 -11.24 -12.60
CA PRO B 80 -22.11 -11.72 -12.14
C PRO B 80 -22.21 -12.52 -10.93
N LEU B 81 -23.06 -12.16 -9.95
CA LEU B 81 -23.21 -13.04 -8.85
C LEU B 81 -23.57 -14.49 -9.16
N ARG B 82 -24.62 -14.67 -9.99
CA ARG B 82 -25.08 -16.00 -10.32
C ARG B 82 -24.06 -16.73 -11.17
N LEU B 83 -23.30 -16.01 -11.96
CA LEU B 83 -22.24 -16.67 -12.66
C LEU B 83 -21.02 -17.08 -11.79
N VAL B 84 -20.62 -16.23 -10.85
CA VAL B 84 -19.42 -16.62 -10.00
C VAL B 84 -19.73 -17.56 -8.86
N LEU B 85 -20.97 -17.62 -8.35
CA LEU B 85 -21.18 -18.47 -7.18
C LEU B 85 -20.81 -19.92 -7.35
N PRO B 86 -21.15 -20.54 -8.51
CA PRO B 86 -20.81 -21.95 -8.62
C PRO B 86 -19.28 -22.15 -8.59
N ALA B 87 -18.55 -21.26 -9.20
CA ALA B 87 -17.07 -21.34 -9.14
C ALA B 87 -16.56 -21.18 -7.74
N LEU B 88 -17.05 -20.19 -7.01
CA LEU B 88 -16.67 -20.03 -5.60
C LEU B 88 -16.99 -21.23 -4.76
N GLU B 89 -18.18 -21.84 -4.93
N GLU B 89 -18.17 -21.81 -4.96
CA GLU B 89 -18.55 -23.07 -4.21
CA GLU B 89 -18.59 -23.01 -4.25
C GLU B 89 -17.62 -24.23 -4.48
C GLU B 89 -17.69 -24.22 -4.50
N ALA B 90 -17.12 -24.27 -5.69
CA ALA B 90 -16.15 -25.25 -6.08
C ALA B 90 -14.70 -24.89 -5.62
N GLY B 91 -14.51 -23.77 -4.92
CA GLY B 91 -13.19 -23.37 -4.43
C GLY B 91 -12.33 -22.72 -5.51
N ILE B 92 -12.93 -22.20 -6.56
CA ILE B 92 -12.23 -21.43 -7.55
C ILE B 92 -12.23 -19.95 -7.16
N PRO B 93 -11.02 -19.32 -7.05
CA PRO B 93 -11.04 -17.91 -6.70
C PRO B 93 -11.62 -16.99 -7.72
N LEU B 94 -12.09 -15.86 -7.24
CA LEU B 94 -12.54 -14.75 -8.02
C LEU B 94 -11.67 -13.53 -7.89
N ILE B 95 -11.25 -12.96 -9.01
CA ILE B 95 -10.59 -11.69 -9.04
C ILE B 95 -11.53 -10.72 -9.70
N THR B 96 -11.86 -9.62 -9.02
CA THR B 96 -12.92 -8.73 -9.49
C THR B 96 -12.57 -7.31 -9.24
N ALA B 97 -13.07 -6.46 -10.12
CA ALA B 97 -13.06 -5.03 -9.93
C ALA B 97 -14.45 -4.47 -9.62
N ASN B 98 -15.36 -5.35 -9.31
CA ASN B 98 -16.79 -4.97 -9.28
C ASN B 98 -17.28 -4.59 -7.83
N LYS B 99 -17.11 -3.31 -7.54
CA LYS B 99 -17.42 -2.76 -6.25
C LYS B 99 -18.89 -2.85 -5.92
N ALA B 100 -19.74 -2.69 -6.94
CA ALA B 100 -21.20 -2.81 -6.72
C ALA B 100 -21.62 -4.23 -6.29
N LEU B 101 -21.08 -5.24 -6.95
CA LEU B 101 -21.29 -6.64 -6.59
C LEU B 101 -20.92 -6.97 -5.18
N LEU B 102 -19.69 -6.53 -4.80
CA LEU B 102 -19.25 -6.73 -3.46
C LEU B 102 -20.03 -5.99 -2.42
N ALA B 103 -20.34 -4.74 -2.69
CA ALA B 103 -21.08 -3.95 -1.76
C ALA B 103 -22.51 -4.48 -1.60
N GLU B 104 -23.15 -4.81 -2.73
CA GLU B 104 -24.61 -5.15 -2.74
C GLU B 104 -24.99 -6.62 -2.62
N ALA B 105 -24.06 -7.56 -2.83
CA ALA B 105 -24.32 -8.96 -2.64
C ALA B 105 -23.40 -9.65 -1.59
N TRP B 106 -23.19 -8.96 -0.50
CA TRP B 106 -22.23 -9.43 0.51
C TRP B 106 -22.74 -10.54 1.35
N GLU B 107 -24.07 -10.65 1.48
CA GLU B 107 -24.61 -11.81 2.17
C GLU B 107 -24.23 -13.12 1.49
N SER B 108 -24.21 -13.15 0.16
CA SER B 108 -23.81 -14.32 -0.56
C SER B 108 -22.27 -14.45 -0.61
N LEU B 109 -21.55 -13.32 -0.74
CA LEU B 109 -20.10 -13.39 -1.08
C LEU B 109 -19.19 -13.42 0.18
N ARG B 110 -19.68 -12.89 1.29
CA ARG B 110 -18.87 -12.83 2.53
C ARG B 110 -18.22 -14.12 2.95
N PRO B 111 -18.98 -15.22 2.96
CA PRO B 111 -18.38 -16.49 3.35
C PRO B 111 -17.16 -16.86 2.52
N PHE B 112 -17.21 -16.63 1.21
CA PHE B 112 -16.09 -16.93 0.37
C PHE B 112 -14.94 -15.86 0.56
N ALA B 113 -15.26 -14.59 0.70
CA ALA B 113 -14.22 -13.62 1.11
C ALA B 113 -13.45 -14.07 2.36
N GLU B 114 -14.19 -14.54 3.39
CA GLU B 114 -13.61 -15.10 4.58
C GLU B 114 -12.70 -16.27 4.39
N GLU B 115 -12.87 -17.07 3.36
CA GLU B 115 -12.00 -18.19 3.05
C GLU B 115 -10.85 -17.77 2.15
N GLY B 116 -10.68 -16.49 1.87
CA GLY B 116 -9.53 -16.15 1.00
C GLY B 116 -9.72 -16.31 -0.48
N LEU B 117 -10.98 -16.46 -0.93
CA LEU B 117 -11.25 -16.76 -2.31
C LEU B 117 -11.51 -15.53 -3.18
N ILE B 118 -11.64 -14.36 -2.59
CA ILE B 118 -12.00 -13.15 -3.37
C ILE B 118 -10.87 -12.12 -3.32
N TYR B 119 -10.35 -11.78 -4.51
CA TYR B 119 -9.36 -10.77 -4.66
C TYR B 119 -10.03 -9.57 -5.31
N HIS B 120 -9.93 -8.40 -4.72
CA HIS B 120 -10.52 -7.20 -5.22
C HIS B 120 -9.86 -5.91 -5.03
N GLU B 121 -8.53 -5.91 -5.18
CA GLU B 121 -7.79 -4.66 -5.15
C GLU B 121 -8.29 -3.68 -6.16
N ALA B 122 -8.61 -4.18 -7.33
CA ALA B 122 -9.03 -3.24 -8.42
C ALA B 122 -10.44 -2.64 -8.18
N SER B 123 -11.17 -3.16 -7.21
CA SER B 123 -12.52 -2.59 -6.81
C SER B 123 -12.51 -1.21 -6.11
N VAL B 124 -11.33 -0.78 -5.63
CA VAL B 124 -11.23 0.55 -5.03
C VAL B 124 -9.93 1.16 -5.44
N MET B 125 -10.06 2.30 -6.06
CA MET B 125 -8.97 3.03 -6.62
C MET B 125 -8.19 2.21 -7.63
N ALA B 126 -8.89 1.37 -8.36
CA ALA B 126 -8.27 0.63 -9.45
C ALA B 126 -6.96 -0.05 -9.00
N GLY B 127 -5.88 0.01 -9.76
CA GLY B 127 -4.62 -0.62 -9.37
C GLY B 127 -3.80 0.22 -8.42
N THR B 128 -4.30 1.34 -8.01
CA THR B 128 -3.62 2.10 -6.95
C THR B 128 -3.80 1.30 -5.64
N PRO B 129 -2.73 1.16 -4.83
CA PRO B 129 -2.89 0.33 -3.62
C PRO B 129 -3.88 0.95 -2.67
N ALA B 130 -4.90 0.20 -2.29
CA ALA B 130 -5.95 0.68 -1.41
C ALA B 130 -6.30 -0.37 -0.43
N LEU B 131 -6.66 -1.55 -0.90
CA LEU B 131 -6.91 -2.64 0.00
C LEU B 131 -5.60 -3.06 0.69
N SER B 132 -4.54 -3.15 -0.08
CA SER B 132 -3.18 -3.55 0.47
C SER B 132 -2.76 -2.49 1.44
N PHE B 133 -3.08 -1.19 1.17
CA PHE B 133 -2.71 -0.08 1.97
C PHE B 133 -3.41 -0.25 3.32
N LEU B 134 -4.66 -0.66 3.31
CA LEU B 134 -5.40 -0.87 4.52
C LEU B 134 -5.03 -2.14 5.27
N GLU B 135 -4.66 -3.14 4.54
CA GLU B 135 -4.18 -4.36 5.12
C GLU B 135 -2.92 -4.06 6.03
N THR B 136 -2.02 -3.24 5.53
CA THR B 136 -0.90 -2.71 6.32
C THR B 136 -1.34 -1.80 7.49
N LEU B 137 -2.36 -0.99 7.29
CA LEU B 137 -2.88 -0.15 8.31
C LEU B 137 -3.58 -0.88 9.41
N ARG B 138 -3.87 -2.16 9.23
CA ARG B 138 -4.43 -2.96 10.28
C ARG B 138 -3.40 -3.06 11.47
N GLY B 139 -2.14 -2.74 11.25
CA GLY B 139 -1.21 -2.76 12.41
C GLY B 139 -1.56 -1.79 13.53
N SER B 140 -2.33 -0.74 13.22
CA SER B 140 -2.85 0.24 14.10
C SER B 140 -4.36 0.16 14.24
N GLU B 141 -4.90 0.92 15.20
CA GLU B 141 -6.34 1.05 15.40
C GLU B 141 -6.79 2.28 14.71
N LEU B 142 -7.86 2.12 13.91
CA LEU B 142 -8.30 3.27 13.10
C LEU B 142 -8.86 4.36 13.98
N LEU B 143 -8.44 5.59 13.74
CA LEU B 143 -9.09 6.74 14.33
C LEU B 143 -10.13 7.32 13.33
N GLU B 144 -9.68 7.61 12.11
CA GLU B 144 -10.56 8.10 11.06
C GLU B 144 -9.96 7.85 9.69
N LEU B 145 -10.86 7.68 8.71
CA LEU B 145 -10.51 7.47 7.29
C LEU B 145 -11.33 8.42 6.46
N HIS B 146 -10.68 9.11 5.53
CA HIS B 146 -11.28 9.94 4.55
C HIS B 146 -10.59 9.74 3.17
N GLY B 147 -11.38 9.53 2.14
CA GLY B 147 -10.86 9.25 0.76
C GLY B 147 -11.66 9.99 -0.30
N ILE B 148 -11.00 10.23 -1.42
CA ILE B 148 -11.57 10.70 -2.65
C ILE B 148 -11.54 9.44 -3.51
N LEU B 149 -12.66 8.74 -3.54
CA LEU B 149 -12.71 7.39 -4.14
C LEU B 149 -13.37 7.29 -5.52
N ASN B 150 -13.88 8.40 -6.03
CA ASN B 150 -14.61 8.33 -7.33
C ASN B 150 -13.81 9.14 -8.28
N GLY B 151 -13.25 8.45 -9.25
CA GLY B 151 -12.48 9.12 -10.27
C GLY B 151 -13.28 10.08 -11.13
N THR B 152 -14.48 9.65 -11.57
CA THR B 152 -15.26 10.53 -12.41
C THR B 152 -15.58 11.83 -11.75
N THR B 153 -16.08 11.83 -10.49
CA THR B 153 -16.43 13.11 -9.89
C THR B 153 -15.22 14.01 -9.47
N LEU B 154 -14.06 13.38 -9.22
CA LEU B 154 -12.85 14.22 -9.00
C LEU B 154 -12.61 14.97 -10.27
N TYR B 155 -12.66 14.20 -11.37
CA TYR B 155 -12.32 14.74 -12.69
C TYR B 155 -13.23 15.88 -12.95
N ILE B 156 -14.54 15.66 -12.72
CA ILE B 156 -15.51 16.74 -12.91
C ILE B 156 -15.26 17.99 -12.06
N LEU B 157 -15.00 17.82 -10.78
CA LEU B 157 -14.75 19.03 -9.94
C LEU B 157 -13.38 19.73 -10.37
N GLN B 158 -12.39 18.93 -10.73
CA GLN B 158 -11.07 19.49 -11.23
C GLN B 158 -11.33 20.34 -12.48
N GLU B 159 -12.10 19.79 -13.42
CA GLU B 159 -12.45 20.51 -14.67
C GLU B 159 -13.32 21.69 -14.39
N MET B 160 -14.26 21.58 -13.47
CA MET B 160 -15.10 22.73 -13.12
C MET B 160 -14.34 23.85 -12.42
N GLU B 161 -13.26 23.49 -11.75
CA GLU B 161 -12.37 24.49 -11.06
C GLU B 161 -11.72 25.48 -12.03
N LYS B 162 -11.47 24.95 -13.21
CA LYS B 162 -10.93 25.68 -14.31
C LYS B 162 -12.03 26.32 -15.19
N GLY B 163 -13.25 26.50 -14.66
CA GLY B 163 -14.37 27.08 -15.38
C GLY B 163 -15.17 26.14 -16.31
N ARG B 164 -14.70 24.91 -16.63
CA ARG B 164 -15.52 24.05 -17.55
C ARG B 164 -16.91 23.73 -16.92
N THR B 165 -17.92 23.35 -17.74
CA THR B 165 -19.20 23.00 -17.10
C THR B 165 -19.15 21.53 -16.70
N TYR B 166 -20.10 21.24 -15.81
CA TYR B 166 -20.49 19.86 -15.42
C TYR B 166 -20.70 18.98 -16.60
N ALA B 167 -21.58 19.43 -17.54
CA ALA B 167 -21.92 18.56 -18.67
C ALA B 167 -20.74 18.23 -19.56
N GLU B 168 -19.97 19.28 -19.85
CA GLU B 168 -18.69 19.06 -20.63
C GLU B 168 -17.76 18.08 -19.97
N ALA B 169 -17.59 18.32 -18.68
CA ALA B 169 -16.63 17.53 -17.86
C ALA B 169 -17.02 16.11 -17.80
N LEU B 170 -18.35 15.92 -17.56
CA LEU B 170 -18.92 14.61 -17.54
C LEU B 170 -18.74 13.86 -18.83
N LEU B 171 -19.09 14.56 -19.91
CA LEU B 171 -18.92 13.99 -21.26
C LEU B 171 -17.47 13.53 -21.45
N GLU B 172 -16.54 14.38 -21.03
CA GLU B 172 -15.11 13.99 -21.24
C GLU B 172 -14.74 12.77 -20.38
N ALA B 173 -15.31 12.69 -19.15
CA ALA B 173 -14.98 11.54 -18.28
C ALA B 173 -15.51 10.25 -18.80
N GLN B 174 -16.66 10.36 -19.48
CA GLN B 174 -17.24 9.17 -20.10
C GLN B 174 -16.36 8.70 -21.24
N ARG B 175 -15.87 9.65 -22.02
CA ARG B 175 -14.99 9.36 -23.16
C ARG B 175 -13.68 8.67 -22.67
N LEU B 176 -13.15 9.13 -21.50
CA LEU B 176 -11.89 8.58 -20.93
C LEU B 176 -12.04 7.21 -20.36
N GLY B 177 -13.31 6.77 -20.32
CA GLY B 177 -13.66 5.45 -19.83
C GLY B 177 -13.71 5.41 -18.31
N TYR B 178 -13.74 6.57 -17.66
CA TYR B 178 -13.84 6.62 -16.15
C TYR B 178 -15.23 6.31 -15.57
N ALA B 179 -16.34 6.76 -16.22
CA ALA B 179 -17.74 6.65 -15.66
C ALA B 179 -18.31 5.29 -15.61
N GLU B 180 -19.09 5.00 -14.56
CA GLU B 180 -19.90 3.84 -14.54
C GLU B 180 -20.90 3.96 -15.79
N ALA B 181 -21.37 2.82 -16.24
CA ALA B 181 -22.27 2.79 -17.42
C ALA B 181 -23.47 3.77 -17.19
N ASP B 182 -24.06 3.62 -16.01
CA ASP B 182 -24.93 4.63 -15.34
C ASP B 182 -24.09 5.73 -14.56
N PRO B 183 -23.75 6.88 -15.18
CA PRO B 183 -23.01 7.99 -14.52
C PRO B 183 -23.65 8.56 -13.28
N THR B 184 -24.94 8.34 -13.10
CA THR B 184 -25.59 8.72 -11.88
C THR B 184 -24.88 8.09 -10.61
N LEU B 185 -24.35 6.90 -10.74
CA LEU B 185 -23.66 6.16 -9.62
C LEU B 185 -22.43 6.96 -9.19
N ASP B 186 -21.70 7.51 -10.14
CA ASP B 186 -20.62 8.39 -9.90
C ASP B 186 -21.07 9.65 -9.27
N VAL B 187 -21.98 10.39 -9.88
CA VAL B 187 -22.25 11.76 -9.47
C VAL B 187 -23.16 11.91 -8.30
N GLU B 188 -23.88 10.86 -7.92
CA GLU B 188 -24.71 11.01 -6.66
C GLU B 188 -24.01 10.33 -5.48
N GLY B 189 -22.74 9.92 -5.68
CA GLY B 189 -21.97 9.47 -4.54
C GLY B 189 -22.14 8.00 -4.25
N ILE B 190 -22.87 7.27 -5.09
CA ILE B 190 -23.15 5.92 -4.80
C ILE B 190 -21.93 4.96 -4.98
N ASP B 191 -21.21 5.14 -6.07
CA ASP B 191 -19.99 4.42 -6.35
C ASP B 191 -18.93 4.63 -5.18
N ALA B 192 -18.78 5.84 -4.70
CA ALA B 192 -17.92 6.13 -3.51
C ALA B 192 -18.45 5.42 -2.34
N ALA B 193 -19.77 5.38 -2.18
CA ALA B 193 -20.38 4.64 -1.07
C ALA B 193 -20.12 3.14 -1.16
N HIS B 194 -20.19 2.58 -2.39
CA HIS B 194 -19.92 1.18 -2.60
C HIS B 194 -18.42 0.86 -2.05
N LYS B 195 -17.54 1.69 -2.51
CA LYS B 195 -16.08 1.59 -2.18
C LYS B 195 -15.88 1.79 -0.68
N LEU B 196 -16.50 2.83 -0.12
CA LEU B 196 -16.46 3.07 1.31
C LEU B 196 -16.88 1.89 2.13
N THR B 197 -17.93 1.22 1.71
CA THR B 197 -18.38 0.06 2.35
C THR B 197 -17.32 -1.04 2.35
N LEU B 198 -16.61 -1.25 1.23
CA LEU B 198 -15.69 -2.31 1.19
C LEU B 198 -14.48 -1.96 2.18
N LEU B 199 -14.11 -0.69 2.23
CA LEU B 199 -13.01 -0.27 3.18
C LEU B 199 -13.37 -0.52 4.64
N ALA B 200 -14.62 -0.22 5.01
CA ALA B 200 -15.16 -0.49 6.34
C ALA B 200 -15.13 -1.93 6.65
N ARG B 201 -15.49 -2.78 5.70
CA ARG B 201 -15.53 -4.16 6.01
C ARG B 201 -14.13 -4.77 6.19
N LEU B 202 -13.22 -4.27 5.40
CA LEU B 202 -11.84 -4.79 5.48
C LEU B 202 -11.22 -4.40 6.87
N LEU B 203 -11.46 -3.20 7.28
CA LEU B 203 -10.77 -2.57 8.44
C LEU B 203 -11.44 -2.76 9.77
N VAL B 204 -12.76 -2.51 9.86
CA VAL B 204 -13.41 -2.42 11.18
C VAL B 204 -14.67 -3.21 11.42
N ASP B 205 -15.40 -3.63 10.36
CA ASP B 205 -16.56 -4.44 10.63
C ASP B 205 -16.94 -5.29 9.47
N PRO B 206 -16.68 -6.60 9.54
CA PRO B 206 -16.85 -7.43 8.36
C PRO B 206 -18.32 -7.53 7.85
N GLY B 207 -19.28 -7.06 8.63
CA GLY B 207 -20.72 -7.04 8.17
C GLY B 207 -21.17 -5.69 7.87
N PHE B 208 -20.29 -4.67 7.73
CA PHE B 208 -20.81 -3.31 7.61
C PHE B 208 -21.82 -3.23 6.44
N PRO B 209 -23.03 -2.72 6.65
CA PRO B 209 -23.97 -2.72 5.50
C PRO B 209 -23.86 -1.52 4.62
N PHE B 210 -23.91 -1.77 3.31
CA PHE B 210 -23.93 -0.71 2.33
C PHE B 210 -25.05 0.31 2.58
N ALA B 211 -26.20 -0.21 2.98
CA ALA B 211 -27.36 0.65 3.26
C ALA B 211 -27.07 1.60 4.41
N GLU B 212 -26.05 1.36 5.27
CA GLU B 212 -25.78 2.30 6.37
C GLU B 212 -24.96 3.49 5.95
N VAL B 213 -24.41 3.46 4.74
CA VAL B 213 -23.64 4.59 4.32
C VAL B 213 -24.59 5.71 3.93
N GLU B 214 -24.33 6.91 4.41
CA GLU B 214 -25.15 8.05 4.06
C GLU B 214 -24.45 8.75 2.93
N ALA B 215 -25.08 8.95 1.79
CA ALA B 215 -24.33 9.41 0.61
C ALA B 215 -25.06 10.52 -0.09
N GLN B 216 -24.34 11.60 -0.39
N GLN B 216 -24.31 11.56 -0.41
CA GLN B 216 -24.85 12.74 -1.16
CA GLN B 216 -24.74 12.58 -1.31
C GLN B 216 -23.75 13.15 -2.14
C GLN B 216 -23.72 12.69 -2.37
N GLY B 217 -24.12 13.39 -3.42
CA GLY B 217 -23.24 13.69 -4.52
C GLY B 217 -22.87 15.14 -4.78
N ILE B 218 -22.50 15.38 -6.04
CA ILE B 218 -22.03 16.73 -6.41
C ILE B 218 -23.08 17.61 -7.14
N ALA B 219 -24.36 17.25 -7.07
CA ALA B 219 -25.39 17.95 -7.89
C ALA B 219 -25.63 19.38 -7.49
N ARG B 220 -25.30 19.80 -6.29
CA ARG B 220 -25.36 21.23 -5.92
C ARG B 220 -24.11 22.06 -6.26
N LEU B 221 -23.17 21.47 -6.98
CA LEU B 221 -21.92 22.21 -7.21
C LEU B 221 -21.82 22.71 -8.64
N THR B 222 -21.29 23.93 -8.77
CA THR B 222 -21.11 24.68 -10.00
C THR B 222 -19.67 25.25 -10.09
N PRO B 223 -19.21 25.75 -11.28
CA PRO B 223 -17.90 26.43 -11.27
C PRO B 223 -17.88 27.64 -10.35
N GLU B 224 -19.03 28.24 -10.10
CA GLU B 224 -19.10 29.34 -9.17
C GLU B 224 -18.87 28.94 -7.70
N VAL B 225 -19.51 27.87 -7.24
CA VAL B 225 -19.33 27.44 -5.83
C VAL B 225 -17.83 27.10 -5.55
N LEU B 226 -17.19 26.43 -6.50
CA LEU B 226 -15.82 25.95 -6.34
C LEU B 226 -14.88 27.16 -6.38
N GLN B 227 -15.09 28.10 -7.31
CA GLN B 227 -14.27 29.33 -7.38
C GLN B 227 -14.42 30.23 -6.12
N LYS B 228 -15.61 30.33 -5.54
CA LYS B 228 -15.75 30.95 -4.22
C LYS B 228 -14.95 30.16 -3.19
N ALA B 229 -14.96 28.83 -3.25
CA ALA B 229 -14.17 28.04 -2.27
C ALA B 229 -12.64 28.37 -2.35
N GLU B 230 -12.08 28.37 -3.57
CA GLU B 230 -10.67 28.81 -3.83
C GLU B 230 -10.31 30.14 -3.15
N ALA B 231 -11.24 31.08 -3.12
CA ALA B 231 -10.97 32.40 -2.53
C ALA B 231 -11.04 32.37 -1.01
N ARG B 232 -11.75 31.42 -0.43
CA ARG B 232 -11.63 31.20 1.01
C ARG B 232 -10.39 30.34 1.42
N GLY B 233 -9.48 30.05 0.48
CA GLY B 233 -8.41 29.06 0.70
C GLY B 233 -8.86 27.58 0.85
N GLU B 234 -9.90 27.15 0.09
CA GLU B 234 -10.47 25.82 0.28
C GLU B 234 -10.61 25.15 -1.04
N ARG B 235 -10.68 23.82 -1.04
CA ARG B 235 -11.07 23.09 -2.24
C ARG B 235 -12.28 22.29 -1.79
N VAL B 236 -13.26 22.15 -2.68
CA VAL B 236 -14.39 21.29 -2.40
C VAL B 236 -14.16 19.98 -3.08
N ARG B 237 -14.32 18.89 -2.34
CA ARG B 237 -14.23 17.59 -2.93
C ARG B 237 -15.32 16.71 -2.40
N LEU B 238 -15.65 15.69 -3.16
CA LEU B 238 -16.51 14.62 -2.67
C LEU B 238 -15.63 13.70 -1.84
N VAL B 239 -15.97 13.48 -0.57
CA VAL B 239 -15.14 12.72 0.36
C VAL B 239 -15.97 11.67 1.02
N ALA B 240 -15.36 10.50 1.04
CA ALA B 240 -15.89 9.35 1.65
C ALA B 240 -15.24 9.23 3.01
N SER B 241 -16.03 9.26 4.10
CA SER B 241 -15.51 9.27 5.49
C SER B 241 -15.98 8.11 6.36
N LEU B 242 -15.06 7.55 7.13
CA LEU B 242 -15.40 6.59 8.17
C LEU B 242 -14.87 7.12 9.49
N PHE B 243 -15.74 7.31 10.46
CA PHE B 243 -15.34 8.00 11.71
C PHE B 243 -16.33 7.55 12.81
N GLY B 244 -15.89 7.69 14.06
CA GLY B 244 -16.65 7.28 15.27
C GLY B 244 -17.70 8.33 15.65
N GLU B 245 -18.92 7.90 15.91
CA GLU B 245 -19.93 8.83 16.45
C GLU B 245 -20.82 8.07 17.39
N GLY B 246 -20.85 8.48 18.66
CA GLY B 246 -21.64 7.82 19.71
C GLY B 246 -21.29 6.39 19.91
N GLY B 247 -19.99 6.07 19.86
CA GLY B 247 -19.57 4.69 19.96
C GLY B 247 -19.92 3.73 18.83
N ARG B 248 -20.39 4.25 17.68
CA ARG B 248 -20.62 3.38 16.52
C ARG B 248 -19.79 4.00 15.36
N TRP B 249 -19.43 3.16 14.40
CA TRP B 249 -18.80 3.66 13.11
C TRP B 249 -19.83 4.21 12.21
N ARG B 250 -19.62 5.43 11.76
CA ARG B 250 -20.46 6.15 10.82
C ARG B 250 -19.66 6.23 9.49
N ALA B 251 -20.37 6.04 8.40
CA ALA B 251 -19.81 6.11 7.03
C ALA B 251 -20.63 7.08 6.23
N ALA B 252 -19.97 8.09 5.67
CA ALA B 252 -20.66 9.09 4.90
C ALA B 252 -19.91 9.49 3.66
N VAL B 253 -20.61 9.83 2.60
CA VAL B 253 -20.04 10.46 1.40
C VAL B 253 -20.76 11.77 1.19
N ALA B 254 -20.00 12.83 0.98
CA ALA B 254 -20.54 14.18 0.76
C ALA B 254 -19.49 15.13 0.31
N PRO B 255 -19.84 16.23 -0.38
CA PRO B 255 -18.91 17.32 -0.69
C PRO B 255 -18.47 17.88 0.61
N ARG B 256 -17.19 18.17 0.73
CA ARG B 256 -16.62 18.74 1.95
C ARG B 256 -15.73 19.83 1.56
N ARG B 257 -15.64 20.80 2.46
CA ARG B 257 -14.70 21.91 2.30
C ARG B 257 -13.37 21.51 2.88
N LEU B 258 -12.33 21.46 2.06
CA LEU B 258 -11.02 21.03 2.59
C LEU B 258 -10.11 22.24 2.63
N PRO B 259 -9.20 22.33 3.65
CA PRO B 259 -8.12 23.34 3.47
C PRO B 259 -7.36 23.02 2.24
N GLN B 260 -6.97 24.01 1.46
CA GLN B 260 -6.36 23.75 0.17
C GLN B 260 -5.00 23.09 0.20
N ASP B 261 -4.33 23.09 1.33
CA ASP B 261 -3.07 22.45 1.47
C ASP B 261 -3.19 21.04 1.95
N HIS B 262 -4.40 20.59 2.26
CA HIS B 262 -4.55 19.24 2.78
C HIS B 262 -4.14 18.24 1.69
N PRO B 263 -3.49 17.13 2.04
CA PRO B 263 -3.22 16.09 1.06
C PRO B 263 -4.40 15.74 0.14
N LEU B 264 -5.56 15.64 0.72
CA LEU B 264 -6.82 15.27 -0.03
C LEU B 264 -7.14 16.35 -1.04
N ALA B 265 -6.91 17.61 -0.69
CA ALA B 265 -7.17 18.71 -1.61
C ALA B 265 -6.17 18.82 -2.71
N ARG B 266 -4.92 18.47 -2.44
CA ARG B 266 -3.88 18.54 -3.41
C ARG B 266 -3.72 17.32 -4.28
N ALA B 267 -4.44 16.25 -3.95
N ALA B 267 -4.06 16.15 -3.75
CA ALA B 267 -4.45 15.07 -4.81
CA ALA B 267 -3.68 14.88 -4.37
C ALA B 267 -5.02 15.26 -6.20
C ALA B 267 -3.80 14.87 -5.87
N ARG B 268 -4.15 14.97 -7.19
N ARG B 268 -2.80 14.22 -6.48
CA ARG B 268 -4.48 14.89 -8.59
CA ARG B 268 -2.77 13.82 -7.88
C ARG B 268 -5.14 13.56 -8.96
C ARG B 268 -3.51 12.48 -7.96
N GLY B 269 -4.91 12.48 -8.20
CA GLY B 269 -5.64 11.28 -8.57
C GLY B 269 -6.58 10.99 -7.38
N ASN B 270 -7.18 9.84 -7.31
CA ASN B 270 -7.84 9.43 -6.12
C ASN B 270 -6.90 9.27 -4.91
N ALA B 271 -7.45 9.31 -3.69
CA ALA B 271 -6.60 9.41 -2.46
C ALA B 271 -7.31 8.84 -1.30
N LEU B 272 -6.55 8.19 -0.41
CA LEU B 272 -7.07 7.65 0.81
C LEU B 272 -6.14 8.17 1.94
N TRP B 273 -6.73 8.81 2.96
CA TRP B 273 -6.04 9.43 4.06
C TRP B 273 -6.57 8.82 5.36
N VAL B 274 -5.67 8.31 6.19
CA VAL B 274 -6.03 7.57 7.39
C VAL B 274 -5.22 8.14 8.59
N ARG B 275 -5.89 8.21 9.74
CA ARG B 275 -5.21 8.48 11.02
C ARG B 275 -5.48 7.27 11.83
N ALA B 276 -4.41 6.63 12.38
CA ALA B 276 -4.54 5.46 13.16
C ALA B 276 -3.50 5.45 14.31
N ARG B 277 -3.74 4.72 15.38
N ARG B 277 -3.77 4.59 15.31
CA ARG B 277 -2.86 4.78 16.55
CA ARG B 277 -2.97 4.46 16.56
C ARG B 277 -2.28 3.41 16.66
C ARG B 277 -2.23 3.16 16.61
N PRO B 278 -0.92 3.23 16.77
CA PRO B 278 0.06 4.29 16.94
C PRO B 278 0.72 4.77 15.69
N LEU B 279 0.37 4.34 14.45
CA LEU B 279 1.16 4.81 13.27
C LEU B 279 1.23 6.32 13.12
N GLY B 280 0.11 6.96 13.21
CA GLY B 280 -0.06 8.35 12.86
C GLY B 280 -0.90 8.53 11.56
N GLU B 281 -0.37 9.32 10.66
N GLU B 281 -0.48 9.44 10.70
CA GLU B 281 -1.09 9.88 9.51
CA GLU B 281 -1.27 9.86 9.53
C GLU B 281 -0.45 9.31 8.27
C GLU B 281 -0.55 9.42 8.26
N ALA B 282 -1.21 8.55 7.48
CA ALA B 282 -0.66 7.94 6.23
C ALA B 282 -1.65 8.20 5.08
N PHE B 283 -1.14 8.17 3.86
N PHE B 283 -1.14 8.41 3.88
CA PHE B 283 -1.87 8.68 2.71
CA PHE B 283 -2.03 8.49 2.72
C PHE B 283 -1.39 7.91 1.49
C PHE B 283 -1.40 8.00 1.45
N VAL B 284 -2.29 7.59 0.55
CA VAL B 284 -1.97 7.01 -0.76
C VAL B 284 -2.84 7.65 -1.83
N THR B 285 -2.24 7.90 -2.97
N THR B 285 -2.22 7.89 -2.97
CA THR B 285 -2.94 8.51 -4.07
CA THR B 285 -2.86 8.48 -4.11
C THR B 285 -2.40 7.99 -5.38
C THR B 285 -2.46 7.72 -5.33
N GLY B 286 -3.32 7.82 -6.32
CA GLY B 286 -2.97 7.43 -7.67
C GLY B 286 -4.28 7.33 -8.50
N PRO B 287 -4.16 6.83 -9.70
CA PRO B 287 -5.38 6.82 -10.60
C PRO B 287 -6.37 5.80 -10.06
N GLY B 288 -7.59 6.23 -10.09
CA GLY B 288 -8.67 5.44 -9.53
C GLY B 288 -9.70 4.91 -10.52
N ALA B 289 -9.41 5.09 -11.80
CA ALA B 289 -10.28 4.67 -12.92
C ALA B 289 -9.45 4.53 -14.16
N GLY B 290 -10.03 3.82 -15.16
CA GLY B 290 -9.36 3.67 -16.49
C GLY B 290 -9.10 2.21 -16.72
N GLY B 291 -9.00 1.79 -17.99
CA GLY B 291 -8.83 0.40 -18.30
C GLY B 291 -7.50 -0.22 -17.81
N GLY B 292 -6.44 0.43 -18.15
CA GLY B 292 -5.10 0.04 -17.82
C GLY B 292 -4.88 0.10 -16.31
N ALA B 293 -5.27 1.20 -15.71
CA ALA B 293 -5.21 1.31 -14.23
C ALA B 293 -5.92 0.19 -13.51
N THR B 294 -7.08 -0.20 -14.01
CA THR B 294 -7.84 -1.27 -13.44
C THR B 294 -7.23 -2.62 -13.73
N ALA B 295 -6.81 -2.85 -14.96
CA ALA B 295 -6.12 -4.09 -15.34
C ALA B 295 -4.87 -4.28 -14.45
N SER B 296 -4.15 -3.20 -14.09
CA SER B 296 -3.00 -3.34 -13.24
C SER B 296 -3.41 -4.00 -11.92
N GLY B 297 -4.50 -3.47 -11.32
CA GLY B 297 -5.02 -4.05 -10.10
C GLY B 297 -5.38 -5.53 -10.18
N LEU B 298 -6.15 -5.89 -11.23
CA LEU B 298 -6.50 -7.28 -11.45
C LEU B 298 -5.27 -8.17 -11.60
N PHE B 299 -4.26 -7.71 -12.34
CA PHE B 299 -3.06 -8.49 -12.58
C PHE B 299 -2.23 -8.58 -11.27
N ALA B 300 -2.19 -7.49 -10.54
CA ALA B 300 -1.55 -7.53 -9.16
C ALA B 300 -2.14 -8.64 -8.30
N ASP B 301 -3.46 -8.81 -8.41
CA ASP B 301 -4.14 -9.83 -7.69
C ASP B 301 -3.88 -11.19 -8.28
N LEU B 302 -3.79 -11.29 -9.58
CA LEU B 302 -3.45 -12.60 -10.17
C LEU B 302 -2.02 -13.08 -9.68
N LEU B 303 -1.09 -12.12 -9.57
CA LEU B 303 0.29 -12.39 -9.09
C LEU B 303 0.28 -12.71 -7.62
N ARG B 304 -0.56 -12.01 -6.88
CA ARG B 304 -0.79 -12.33 -5.44
C ARG B 304 -1.22 -13.79 -5.29
N PHE B 305 -2.24 -14.19 -6.05
CA PHE B 305 -2.72 -15.55 -6.08
C PHE B 305 -1.61 -16.53 -6.42
N LEU B 306 -0.90 -16.26 -7.48
CA LEU B 306 0.07 -17.20 -8.01
C LEU B 306 1.25 -17.35 -7.07
N SER B 307 1.48 -16.39 -6.19
CA SER B 307 2.54 -16.42 -5.26
C SER B 307 2.17 -17.22 -4.06
N GLY B 308 0.89 -17.55 -3.90
CA GLY B 308 0.44 -18.33 -2.82
C GLY B 308 -0.26 -17.58 -1.75
N ALA B 309 -0.58 -16.34 -1.96
CA ALA B 309 -1.25 -15.58 -0.99
C ALA B 309 -2.77 -15.61 -1.23
N PRO B 310 -3.57 -15.61 -0.19
CA PRO B 310 -4.98 -15.55 -0.29
C PRO B 310 -5.51 -14.23 -0.64
N GLY B 311 -6.84 -14.21 -0.91
CA GLY B 311 -7.49 -12.95 -1.18
C GLY B 311 -7.61 -11.99 -0.03
N HIS B 312 -8.36 -10.93 -0.29
CA HIS B 312 -8.66 -9.94 0.66
C HIS B 312 -9.69 -10.36 1.67
N LEU B 313 -9.29 -10.39 2.94
CA LEU B 313 -10.15 -10.90 4.02
C LEU B 313 -10.91 -9.79 4.64
N PRO B 314 -12.20 -10.06 4.96
CA PRO B 314 -12.85 -9.09 5.82
C PRO B 314 -12.13 -8.98 7.20
N ALA B 315 -12.34 -7.90 7.90
CA ALA B 315 -11.93 -7.76 9.32
C ALA B 315 -12.41 -8.96 10.13
N PRO B 316 -11.58 -9.42 11.02
CA PRO B 316 -11.89 -10.68 11.71
C PRO B 316 -12.97 -10.52 12.77
N ARG B 317 -13.31 -9.28 13.12
CA ARG B 317 -14.47 -9.02 14.00
C ARG B 317 -14.81 -7.64 13.85
N ALA B 318 -16.01 -7.29 14.32
CA ALA B 318 -16.37 -5.90 14.40
C ALA B 318 -15.81 -5.35 15.64
N ARG B 319 -15.52 -4.07 15.66
CA ARG B 319 -15.16 -3.46 16.91
C ARG B 319 -15.59 -2.04 16.87
N PRO B 320 -15.90 -1.45 18.04
CA PRO B 320 -16.32 -0.06 18.09
C PRO B 320 -15.18 0.88 17.83
N PRO B 321 -15.47 2.13 17.49
CA PRO B 321 -14.37 3.04 17.32
C PRO B 321 -13.68 3.43 18.59
N LEU B 322 -12.41 3.76 18.52
CA LEU B 322 -11.64 4.25 19.61
C LEU B 322 -11.96 5.65 19.98
N GLU B 323 -12.13 6.50 19.02
CA GLU B 323 -12.39 7.89 19.30
C GLU B 323 -13.61 8.36 18.46
N GLU B 324 -14.41 9.21 19.10
CA GLU B 324 -15.42 10.06 18.48
C GLU B 324 -14.70 10.98 17.47
N GLY B 325 -15.25 11.10 16.25
CA GLY B 325 -14.66 12.00 15.25
C GLY B 325 -15.73 12.83 14.56
N SER B 326 -15.40 13.25 13.32
CA SER B 326 -16.17 14.20 12.51
C SER B 326 -15.48 14.50 11.16
N PRO B 327 -16.28 14.49 10.05
CA PRO B 327 -15.68 14.91 8.78
C PRO B 327 -15.59 16.40 8.73
N TRP B 328 -15.01 16.82 7.60
CA TRP B 328 -14.87 18.23 7.29
C TRP B 328 -16.27 18.85 7.21
N PRO B 329 -16.36 20.21 7.25
CA PRO B 329 -17.69 20.87 6.98
C PRO B 329 -18.23 20.56 5.57
N GLY B 330 -19.52 20.25 5.44
CA GLY B 330 -20.22 20.27 4.10
C GLY B 330 -20.23 21.61 3.35
N VAL B 331 -20.82 21.64 2.15
CA VAL B 331 -20.92 22.84 1.31
C VAL B 331 -22.11 23.79 1.66
#